data_2RFE
#
_entry.id   2RFE
#
_cell.length_a   90.508
_cell.length_b   98.425
_cell.length_c   101.496
_cell.angle_alpha   90.000
_cell.angle_beta   112.590
_cell.angle_gamma   90.000
#
_symmetry.space_group_name_H-M   'P 1 21 1'
#
loop_
_entity.id
_entity.type
_entity.pdbx_description
1 polymer 'Epidermal growth factor receptor'
2 polymer 'ERBB receptor feedback inhibitor 1'
3 water water
#
loop_
_entity_poly.entity_id
_entity_poly.type
_entity_poly.pdbx_seq_one_letter_code
_entity_poly.pdbx_strand_id
1 'polypeptide(L)'
;GAMALLRILKETEFKKIKVLGSGAFGTVYKGLWIPEGEKVKIPVAIKELREATSPKANKEILDEAYVMASVDNPHVCRLL
GICLTSTVQLITQLMPFGCLLDYVREHKDNIGSQYLLNWCVQIAEGMNYLEDRRLVHRDLAARNVLVKTPQHVKITDFGL
AKLLGAEEKEYHAEGGKVPIKWMALESILHRIYTHQSDVWSYGVTVWELMTFGSKPYDGIPASEISSILEKGERLPQPPI
CTIDVYMIMVKCWMIDADSRPKFRELIIEFSKMARDPQRYLVIQGDERMHLPSPTDSNFYRALMDEEDMDDVVDADEYLI
PQQG
;
A,B,C,D
2 'polypeptide(L)' LSPSNSRTPSPKSLPSYLNGVMPPTQSFAPDPKYVSSKAL E,F
#
# COMPACT_ATOMS: atom_id res chain seq x y z
N MET A 3 20.83 -1.12 -7.11
CA MET A 3 21.30 -1.95 -5.95
C MET A 3 21.22 -3.46 -6.26
N ALA A 4 22.37 -4.11 -6.25
CA ALA A 4 22.44 -5.56 -6.52
C ALA A 4 23.47 -6.27 -5.63
N LEU A 5 23.92 -7.45 -6.06
CA LEU A 5 24.88 -8.24 -5.30
C LEU A 5 26.28 -7.62 -5.14
N LEU A 6 27.19 -8.43 -4.60
CA LEU A 6 28.57 -8.01 -4.35
C LEU A 6 29.48 -7.99 -5.56
N ARG A 7 30.13 -6.86 -5.80
CA ARG A 7 31.02 -6.74 -6.94
C ARG A 7 32.47 -6.91 -6.50
N ILE A 8 33.14 -7.90 -7.06
CA ILE A 8 34.53 -8.18 -6.75
C ILE A 8 35.42 -7.35 -7.67
N LEU A 9 36.33 -6.56 -7.12
CA LEU A 9 37.19 -5.76 -7.97
C LEU A 9 38.57 -6.40 -8.15
N LYS A 10 39.29 -5.91 -9.13
CA LYS A 10 40.65 -6.34 -9.38
C LYS A 10 41.47 -5.22 -8.74
N GLU A 11 42.65 -5.54 -8.22
CA GLU A 11 43.47 -4.52 -7.55
C GLU A 11 43.92 -3.39 -8.48
N THR A 12 43.10 -3.05 -9.46
CA THR A 12 43.44 -1.99 -10.39
C THR A 12 42.18 -1.42 -11.00
N GLU A 13 41.11 -1.49 -10.25
CA GLU A 13 39.83 -0.97 -10.71
C GLU A 13 39.43 0.24 -9.89
N PHE A 14 40.24 0.55 -8.88
CA PHE A 14 39.99 1.68 -8.00
C PHE A 14 41.29 2.40 -7.67
N LYS A 15 41.19 3.65 -7.26
CA LYS A 15 42.37 4.43 -6.93
C LYS A 15 42.27 5.15 -5.58
N LYS A 16 43.24 4.88 -4.72
CA LYS A 16 43.28 5.53 -3.43
C LYS A 16 43.80 6.91 -3.74
N ILE A 17 42.97 7.91 -3.52
CA ILE A 17 43.37 9.29 -3.80
C ILE A 17 44.02 9.95 -2.61
N LYS A 18 43.44 9.77 -1.43
CA LYS A 18 43.93 10.45 -0.24
C LYS A 18 43.39 9.87 1.07
N VAL A 19 44.24 9.76 2.09
CA VAL A 19 43.77 9.25 3.36
C VAL A 19 42.85 10.26 4.01
N LEU A 20 41.74 9.76 4.55
CA LEU A 20 40.78 10.62 5.21
C LEU A 20 40.90 10.42 6.72
N GLY A 21 41.34 9.23 7.12
CA GLY A 21 41.50 8.92 8.53
C GLY A 21 41.50 7.43 8.86
N SER A 22 42.43 7.01 9.71
CA SER A 22 42.53 5.61 10.10
C SER A 22 41.88 5.39 11.44
N GLY A 23 41.31 4.21 11.63
CA GLY A 23 40.68 3.89 12.90
C GLY A 23 41.38 2.73 13.54
N ALA A 24 40.61 1.77 14.04
CA ALA A 24 41.20 0.61 14.67
C ALA A 24 40.92 -0.58 13.77
N PHE A 25 39.90 -0.46 12.93
CA PHE A 25 39.57 -1.54 12.01
C PHE A 25 40.34 -1.42 10.73
N GLY A 26 41.04 -0.29 10.59
CA GLY A 26 41.83 -0.04 9.40
C GLY A 26 41.70 1.40 8.99
N THR A 27 42.43 1.80 7.96
CA THR A 27 42.38 3.18 7.48
C THR A 27 41.46 3.38 6.25
N VAL A 28 41.05 4.62 6.00
CA VAL A 28 40.17 4.88 4.87
C VAL A 28 40.65 5.98 3.95
N TYR A 29 40.46 5.78 2.66
CA TYR A 29 40.88 6.78 1.69
C TYR A 29 39.75 7.22 0.79
N LYS A 30 39.93 8.39 0.22
CA LYS A 30 38.98 8.95 -0.73
C LYS A 30 39.51 8.40 -2.04
N GLY A 31 38.64 7.81 -2.84
CA GLY A 31 39.09 7.25 -4.10
C GLY A 31 38.07 7.27 -5.21
N LEU A 32 38.49 6.74 -6.34
CA LEU A 32 37.67 6.66 -7.55
C LEU A 32 37.52 5.21 -7.97
N TRP A 33 36.43 4.93 -8.69
CA TRP A 33 36.19 3.60 -9.17
C TRP A 33 36.18 3.59 -10.70
N ILE A 34 37.15 2.88 -11.28
CA ILE A 34 37.30 2.73 -12.71
C ILE A 34 36.83 1.33 -13.09
N PRO A 35 35.50 1.14 -13.15
CA PRO A 35 34.99 -0.18 -13.53
C PRO A 35 35.48 -0.65 -14.91
N GLU A 36 36.39 -1.63 -14.89
CA GLU A 36 36.92 -2.19 -16.13
C GLU A 36 35.81 -2.21 -17.19
N GLY A 37 36.10 -1.60 -18.34
CA GLY A 37 35.09 -1.55 -19.37
C GLY A 37 34.68 -0.11 -19.65
N GLU A 38 33.73 0.41 -18.88
CA GLU A 38 33.25 1.78 -19.06
C GLU A 38 34.28 2.83 -18.68
N LYS A 39 34.24 3.93 -19.41
CA LYS A 39 35.13 5.06 -19.16
C LYS A 39 34.45 5.99 -18.16
N VAL A 40 33.96 5.40 -17.07
CA VAL A 40 33.32 6.18 -16.02
C VAL A 40 34.15 6.01 -14.76
N LYS A 41 34.19 7.05 -13.95
CA LYS A 41 34.93 7.02 -12.70
C LYS A 41 34.12 7.67 -11.59
N ILE A 42 33.62 6.82 -10.71
CA ILE A 42 32.79 7.26 -9.59
C ILE A 42 33.54 7.32 -8.28
N PRO A 43 33.29 8.39 -7.50
CA PRO A 43 33.89 8.67 -6.20
C PRO A 43 33.34 7.72 -5.14
N VAL A 44 34.24 7.03 -4.46
CA VAL A 44 33.86 6.10 -3.41
C VAL A 44 34.61 6.43 -2.11
N ALA A 45 34.91 5.38 -1.36
CA ALA A 45 35.65 5.45 -0.11
C ALA A 45 36.28 4.07 -0.01
N ILE A 46 37.58 4.01 0.12
CA ILE A 46 38.23 2.71 0.20
C ILE A 46 38.75 2.46 1.61
N LYS A 47 38.28 1.37 2.22
CA LYS A 47 38.68 1.03 3.57
C LYS A 47 39.55 -0.20 3.49
N GLU A 48 40.81 -0.08 3.88
CA GLU A 48 41.71 -1.22 3.83
C GLU A 48 41.91 -1.79 5.23
N LEU A 49 41.15 -2.83 5.57
CA LEU A 49 41.23 -3.44 6.89
C LEU A 49 42.64 -3.88 7.24
N ARG A 50 42.85 -4.19 8.51
CA ARG A 50 44.14 -4.64 8.99
C ARG A 50 44.12 -6.16 9.27
N GLU A 51 45.31 -6.76 9.26
CA GLU A 51 45.49 -8.19 9.53
C GLU A 51 44.62 -8.59 10.73
N ALA A 52 43.79 -9.60 10.56
CA ALA A 52 42.95 -10.05 11.66
C ALA A 52 43.68 -11.14 12.48
N THR A 53 43.42 -11.20 13.77
CA THR A 53 44.05 -12.20 14.63
C THR A 53 43.64 -13.62 14.22
N SER A 54 42.34 -13.85 14.05
CA SER A 54 41.82 -15.17 13.71
C SER A 54 42.02 -15.65 12.25
N PRO A 55 42.03 -14.73 11.30
CA PRO A 55 42.22 -15.06 9.88
C PRO A 55 41.18 -16.00 9.25
N LYS A 56 40.10 -15.42 8.72
CA LYS A 56 39.05 -16.17 8.05
C LYS A 56 39.47 -16.29 6.58
N ALA A 57 39.57 -17.52 6.08
CA ALA A 57 39.99 -17.73 4.69
C ALA A 57 39.23 -16.89 3.67
N ASN A 58 39.82 -16.75 2.50
CA ASN A 58 39.25 -15.94 1.43
C ASN A 58 37.85 -16.35 0.97
N LYS A 59 37.35 -17.47 1.47
CA LYS A 59 36.02 -17.92 1.07
C LYS A 59 34.94 -17.49 2.06
N GLU A 60 35.30 -17.43 3.34
CA GLU A 60 34.34 -17.01 4.36
C GLU A 60 34.21 -15.51 4.35
N ILE A 61 35.36 -14.84 4.33
CA ILE A 61 35.40 -13.39 4.30
C ILE A 61 34.49 -13.01 3.16
N LEU A 62 34.70 -13.71 2.04
CA LEU A 62 33.94 -13.50 0.83
C LEU A 62 32.44 -13.63 1.04
N ASP A 63 32.03 -14.42 2.02
CA ASP A 63 30.60 -14.60 2.27
C ASP A 63 29.98 -13.45 3.01
N GLU A 64 30.58 -13.09 4.14
CA GLU A 64 30.07 -11.98 4.95
C GLU A 64 29.92 -10.76 4.07
N ALA A 65 30.86 -10.60 3.13
CA ALA A 65 30.85 -9.48 2.22
C ALA A 65 29.59 -9.45 1.35
N TYR A 66 29.05 -10.62 1.03
CA TYR A 66 27.85 -10.67 0.19
C TYR A 66 26.65 -10.10 0.94
N VAL A 67 26.53 -10.47 2.20
CA VAL A 67 25.44 -9.99 3.03
C VAL A 67 25.55 -8.50 3.12
N MET A 68 26.74 -8.03 3.46
CA MET A 68 26.97 -6.61 3.58
C MET A 68 26.59 -5.96 2.28
N ALA A 69 26.74 -6.71 1.19
CA ALA A 69 26.40 -6.20 -0.13
C ALA A 69 24.91 -6.29 -0.44
N SER A 70 24.21 -7.14 0.31
CA SER A 70 22.78 -7.33 0.09
C SER A 70 21.86 -6.37 0.84
N VAL A 71 22.43 -5.53 1.71
CA VAL A 71 21.59 -4.61 2.45
C VAL A 71 21.06 -3.50 1.53
N ASP A 72 19.77 -3.57 1.23
CA ASP A 72 19.19 -2.57 0.36
C ASP A 72 18.15 -1.71 1.05
N ASN A 73 18.62 -0.59 1.61
CA ASN A 73 17.75 0.36 2.29
C ASN A 73 18.41 1.75 2.29
N PRO A 74 17.62 2.80 2.06
CA PRO A 74 18.11 4.18 2.03
C PRO A 74 18.82 4.66 3.30
N HIS A 75 18.73 3.90 4.39
CA HIS A 75 19.36 4.29 5.64
C HIS A 75 20.36 3.28 6.22
N VAL A 76 21.06 2.60 5.34
CA VAL A 76 22.02 1.61 5.77
C VAL A 76 23.05 1.44 4.65
N CYS A 77 24.24 1.98 4.85
CA CYS A 77 25.29 1.85 3.85
C CYS A 77 25.45 0.42 3.40
N ARG A 78 25.57 0.26 2.10
CA ARG A 78 25.72 -1.06 1.50
C ARG A 78 27.13 -1.22 0.96
N LEU A 79 27.62 -2.45 0.98
CA LEU A 79 28.97 -2.75 0.48
C LEU A 79 28.89 -2.83 -1.04
N LEU A 80 29.64 -1.97 -1.72
CA LEU A 80 29.64 -1.94 -3.18
C LEU A 80 30.59 -2.96 -3.73
N GLY A 81 31.83 -2.92 -3.29
CA GLY A 81 32.79 -3.87 -3.80
C GLY A 81 33.92 -4.19 -2.88
N ILE A 82 34.30 -5.46 -2.89
CA ILE A 82 35.39 -5.94 -2.05
C ILE A 82 36.57 -6.22 -2.95
N CYS A 83 37.75 -6.38 -2.34
CA CYS A 83 38.96 -6.67 -3.09
C CYS A 83 40.00 -7.35 -2.21
N LEU A 84 40.27 -8.61 -2.50
CA LEU A 84 41.21 -9.38 -1.72
C LEU A 84 42.59 -9.49 -2.35
N THR A 85 43.60 -9.24 -1.52
CA THR A 85 44.98 -9.31 -1.94
C THR A 85 45.67 -9.69 -0.63
N SER A 86 46.85 -9.15 -0.36
CA SER A 86 47.52 -9.49 0.89
C SER A 86 46.79 -8.83 2.05
N THR A 87 45.76 -8.05 1.69
CA THR A 87 44.91 -7.35 2.64
C THR A 87 43.53 -7.25 2.00
N VAL A 88 42.52 -6.95 2.80
CA VAL A 88 41.19 -6.84 2.25
C VAL A 88 40.82 -5.37 2.20
N GLN A 89 40.12 -4.95 1.14
CA GLN A 89 39.71 -3.56 0.98
C GLN A 89 38.22 -3.50 0.64
N LEU A 90 37.47 -2.64 1.32
CA LEU A 90 36.06 -2.56 1.04
C LEU A 90 35.78 -1.27 0.33
N ILE A 91 34.89 -1.29 -0.64
CA ILE A 91 34.56 -0.09 -1.39
C ILE A 91 33.10 0.27 -1.22
N THR A 92 32.82 1.52 -0.86
CA THR A 92 31.45 1.96 -0.68
C THR A 92 31.27 3.38 -1.11
N GLN A 93 30.03 3.75 -1.35
CA GLN A 93 29.75 5.10 -1.76
C GLN A 93 30.22 6.02 -0.65
N LEU A 94 31.01 7.01 -1.03
CA LEU A 94 31.53 7.99 -0.09
C LEU A 94 30.42 8.85 0.51
N MET A 95 30.54 9.21 1.79
CA MET A 95 29.54 10.04 2.44
C MET A 95 30.16 11.41 2.73
N PRO A 96 29.78 12.40 1.94
CA PRO A 96 30.25 13.79 2.01
C PRO A 96 30.48 14.45 3.36
N PHE A 97 29.44 14.50 4.20
CA PHE A 97 29.54 15.18 5.48
C PHE A 97 30.15 14.49 6.69
N GLY A 98 30.67 13.27 6.51
CA GLY A 98 31.26 12.59 7.64
C GLY A 98 30.22 11.99 8.57
N CYS A 99 30.65 11.63 9.77
CA CYS A 99 29.76 11.01 10.74
C CYS A 99 28.82 11.99 11.40
N LEU A 100 27.64 11.49 11.76
CA LEU A 100 26.61 12.30 12.38
C LEU A 100 27.05 12.80 13.77
N LEU A 101 28.07 12.18 14.35
CA LEU A 101 28.54 12.63 15.64
C LEU A 101 29.27 13.97 15.47
N ASP A 102 30.45 13.95 14.84
CA ASP A 102 31.22 15.16 14.60
C ASP A 102 30.28 16.27 14.13
N TYR A 103 29.39 15.90 13.21
CA TYR A 103 28.42 16.81 12.63
C TYR A 103 27.55 17.57 13.64
N VAL A 104 26.86 16.85 14.52
CA VAL A 104 25.99 17.50 15.51
C VAL A 104 26.81 18.32 16.51
N ARG A 105 28.04 17.90 16.76
CA ARG A 105 28.90 18.62 17.68
C ARG A 105 29.25 19.95 17.01
N GLU A 106 29.61 19.84 15.75
CA GLU A 106 30.02 20.97 14.95
C GLU A 106 28.90 21.97 14.58
N HIS A 107 27.66 21.69 15.01
CA HIS A 107 26.51 22.58 14.71
C HIS A 107 25.55 22.72 15.88
N LYS A 108 26.02 22.44 17.08
CA LYS A 108 25.20 22.47 18.30
C LYS A 108 24.23 23.63 18.44
N ASP A 109 24.28 24.61 17.55
CA ASP A 109 23.37 25.76 17.65
C ASP A 109 22.79 26.09 16.28
N ASN A 110 22.85 25.11 15.39
CA ASN A 110 22.35 25.27 14.06
C ASN A 110 21.32 24.18 13.77
N ILE A 111 21.28 23.17 14.63
CA ILE A 111 20.38 22.03 14.45
C ILE A 111 19.05 22.24 15.16
N GLY A 112 17.97 22.18 14.38
CA GLY A 112 16.64 22.39 14.93
C GLY A 112 15.93 21.13 15.34
N SER A 113 14.87 21.27 16.12
CA SER A 113 14.10 20.14 16.60
C SER A 113 13.72 19.15 15.51
N GLN A 114 13.50 19.66 14.30
CA GLN A 114 13.11 18.78 13.20
C GLN A 114 14.23 17.91 12.65
N TYR A 115 15.45 18.42 12.57
CA TYR A 115 16.53 17.60 12.05
C TYR A 115 16.90 16.44 12.96
N LEU A 116 16.73 16.63 14.26
CA LEU A 116 17.04 15.56 15.21
C LEU A 116 15.99 14.46 15.10
N LEU A 117 14.76 14.82 15.40
CA LEU A 117 13.67 13.86 15.36
C LEU A 117 13.72 13.03 14.09
N ASN A 118 14.05 13.69 13.00
CA ASN A 118 14.14 13.03 11.70
C ASN A 118 15.23 11.98 11.71
N TRP A 119 16.45 12.38 12.02
CA TRP A 119 17.55 11.44 12.08
C TRP A 119 17.16 10.27 12.97
N CYS A 120 16.40 10.55 14.03
CA CYS A 120 15.98 9.49 14.92
C CYS A 120 15.13 8.50 14.11
N VAL A 121 14.11 9.03 13.45
CA VAL A 121 13.25 8.20 12.64
C VAL A 121 14.04 7.42 11.59
N GLN A 122 14.86 8.11 10.81
CA GLN A 122 15.66 7.44 9.78
C GLN A 122 16.54 6.33 10.33
N ILE A 123 17.23 6.60 11.44
CA ILE A 123 18.08 5.58 12.02
C ILE A 123 17.25 4.38 12.47
N ALA A 124 16.06 4.64 13.01
CA ALA A 124 15.20 3.56 13.46
C ALA A 124 14.88 2.72 12.23
N GLU A 125 14.38 3.40 11.23
CA GLU A 125 14.03 2.84 9.94
C GLU A 125 15.10 1.84 9.49
N GLY A 126 16.34 2.30 9.48
CA GLY A 126 17.43 1.46 9.04
C GLY A 126 17.63 0.19 9.84
N MET A 127 17.58 0.33 11.17
CA MET A 127 17.78 -0.79 12.07
C MET A 127 16.60 -1.73 11.93
N ASN A 128 15.41 -1.16 11.77
CA ASN A 128 14.24 -2.00 11.60
C ASN A 128 14.41 -2.88 10.36
N TYR A 129 15.11 -2.36 9.36
CA TYR A 129 15.36 -3.12 8.15
C TYR A 129 16.33 -4.24 8.50
N LEU A 130 17.43 -3.89 9.12
CA LEU A 130 18.43 -4.90 9.49
C LEU A 130 17.81 -5.99 10.37
N GLU A 131 16.72 -5.66 11.07
CA GLU A 131 16.07 -6.64 11.92
C GLU A 131 15.19 -7.54 11.08
N ASP A 132 14.54 -6.96 10.07
CA ASP A 132 13.65 -7.70 9.17
C ASP A 132 14.47 -8.78 8.49
N ARG A 133 15.76 -8.51 8.33
CA ARG A 133 16.63 -9.45 7.66
C ARG A 133 17.41 -10.28 8.67
N ARG A 134 16.86 -10.41 9.87
CA ARG A 134 17.51 -11.18 10.92
C ARG A 134 19.01 -10.88 11.00
N LEU A 135 19.36 -9.59 11.09
CA LEU A 135 20.75 -9.14 11.20
C LEU A 135 20.93 -8.20 12.39
N VAL A 136 21.91 -8.47 13.25
CA VAL A 136 22.15 -7.61 14.42
C VAL A 136 23.38 -6.74 14.16
N HIS A 137 23.25 -5.43 14.33
CA HIS A 137 24.38 -4.57 14.05
C HIS A 137 25.54 -4.74 15.01
N ARG A 138 25.28 -4.53 16.30
CA ARG A 138 26.31 -4.68 17.33
C ARG A 138 27.18 -3.46 17.58
N ASP A 139 27.05 -2.43 16.75
CA ASP A 139 27.87 -1.24 16.98
C ASP A 139 27.25 0.07 16.55
N LEU A 140 25.94 0.14 16.70
CA LEU A 140 25.22 1.35 16.39
C LEU A 140 25.78 2.40 17.33
N ALA A 141 25.80 3.64 16.87
CA ALA A 141 26.34 4.73 17.65
C ALA A 141 26.44 5.92 16.70
N ALA A 142 26.26 7.12 17.22
CA ALA A 142 26.33 8.34 16.42
C ALA A 142 27.60 8.40 15.57
N ARG A 143 28.68 7.83 16.05
CA ARG A 143 29.90 7.87 15.28
C ARG A 143 29.78 6.91 14.11
N ASN A 144 28.74 6.10 14.08
CA ASN A 144 28.58 5.14 12.99
C ASN A 144 27.36 5.44 12.15
N VAL A 145 26.99 6.70 12.11
CA VAL A 145 25.86 7.15 11.32
C VAL A 145 26.44 8.29 10.50
N LEU A 146 26.63 8.03 9.20
CA LEU A 146 27.21 9.01 8.29
C LEU A 146 26.16 9.91 7.65
N VAL A 147 26.56 11.12 7.28
CA VAL A 147 25.65 12.08 6.67
C VAL A 147 25.82 12.20 5.17
N LYS A 148 24.77 11.88 4.41
CA LYS A 148 24.82 12.02 2.95
C LYS A 148 24.41 13.47 2.70
N THR A 149 23.43 13.93 3.47
CA THR A 149 22.94 15.29 3.41
C THR A 149 22.27 15.54 4.75
N PRO A 150 22.25 16.80 5.20
CA PRO A 150 21.63 17.11 6.49
C PRO A 150 20.22 16.54 6.60
N GLN A 151 19.68 16.04 5.49
CA GLN A 151 18.33 15.49 5.54
C GLN A 151 18.28 13.99 5.23
N HIS A 152 19.44 13.37 5.12
CA HIS A 152 19.50 11.94 4.82
C HIS A 152 20.76 11.34 5.45
N VAL A 153 20.57 10.50 6.45
CA VAL A 153 21.68 9.85 7.14
C VAL A 153 21.55 8.34 7.04
N LYS A 154 22.65 7.64 7.19
CA LYS A 154 22.60 6.19 7.13
C LYS A 154 23.59 5.46 8.05
N ILE A 155 23.12 4.36 8.62
CA ILE A 155 23.91 3.54 9.51
C ILE A 155 25.02 2.89 8.68
N THR A 156 26.24 2.90 9.19
CA THR A 156 27.35 2.31 8.46
C THR A 156 28.10 1.28 9.30
N ASP A 157 29.14 0.69 8.71
CA ASP A 157 29.95 -0.32 9.37
C ASP A 157 29.27 -1.66 9.66
N PHE A 158 28.03 -1.83 9.22
CA PHE A 158 27.38 -3.10 9.47
C PHE A 158 28.27 -4.23 8.98
N GLY A 159 28.49 -5.23 9.83
CA GLY A 159 29.28 -6.37 9.43
C GLY A 159 30.79 -6.23 9.54
N LEU A 160 31.28 -5.00 9.66
CA LEU A 160 32.72 -4.80 9.77
C LEU A 160 33.26 -5.32 11.10
N ALA A 161 32.58 -4.96 12.19
CA ALA A 161 33.00 -5.42 13.51
C ALA A 161 33.11 -6.94 13.48
N LYS A 162 31.96 -7.61 13.41
CA LYS A 162 31.90 -9.07 13.38
C LYS A 162 32.81 -9.71 12.33
N LEU A 163 33.25 -8.93 11.35
CA LEU A 163 34.12 -9.46 10.31
C LEU A 163 35.55 -9.64 10.84
N LEU A 164 35.76 -9.30 12.11
CA LEU A 164 37.09 -9.41 12.70
C LEU A 164 37.09 -9.69 14.20
N GLY A 165 36.14 -9.11 14.94
CA GLY A 165 36.09 -9.27 16.39
C GLY A 165 34.91 -10.00 16.99
N ALA A 166 34.79 -11.26 16.57
CA ALA A 166 33.75 -12.17 17.04
C ALA A 166 34.39 -13.54 16.93
N GLU A 167 35.64 -13.64 17.39
CA GLU A 167 36.40 -14.87 17.31
C GLU A 167 36.80 -15.45 18.67
N GLU A 168 37.06 -14.59 19.65
CA GLU A 168 37.48 -15.03 20.99
C GLU A 168 38.90 -15.60 20.96
N LYS A 177 39.24 -3.79 21.86
CA LYS A 177 38.42 -2.80 22.56
C LYS A 177 36.94 -3.15 22.46
N VAL A 178 36.10 -2.46 23.24
CA VAL A 178 34.67 -2.69 23.23
C VAL A 178 33.91 -1.45 23.64
N PRO A 179 32.92 -1.06 22.85
CA PRO A 179 32.13 0.13 23.17
C PRO A 179 31.23 -0.04 24.38
N ILE A 180 31.80 -0.42 25.51
CA ILE A 180 30.98 -0.63 26.70
C ILE A 180 29.84 0.36 26.89
N LYS A 181 30.08 1.65 26.73
CA LYS A 181 29.00 2.59 26.97
C LYS A 181 27.82 2.59 26.01
N TRP A 182 27.95 1.85 24.92
CA TRP A 182 26.85 1.72 23.96
C TRP A 182 26.25 0.33 24.08
N MET A 183 27.00 -0.59 24.68
CA MET A 183 26.55 -1.96 24.88
C MET A 183 25.47 -2.08 25.92
N ALA A 184 24.54 -3.01 25.69
CA ALA A 184 23.46 -3.28 26.62
C ALA A 184 24.04 -4.18 27.73
N LEU A 185 23.43 -4.12 28.91
CA LEU A 185 23.93 -4.89 30.03
C LEU A 185 24.37 -6.31 29.67
N GLU A 186 23.47 -7.08 29.08
CA GLU A 186 23.77 -8.45 28.67
C GLU A 186 24.98 -8.58 27.76
N SER A 187 25.12 -7.64 26.83
CA SER A 187 26.24 -7.70 25.91
C SER A 187 27.49 -7.55 26.74
N ILE A 188 27.46 -6.61 27.68
CA ILE A 188 28.62 -6.41 28.53
C ILE A 188 28.93 -7.67 29.33
N LEU A 189 27.99 -8.10 30.17
CA LEU A 189 28.17 -9.27 31.02
C LEU A 189 28.38 -10.61 30.33
N HIS A 190 27.63 -10.89 29.28
CA HIS A 190 27.75 -12.17 28.60
C HIS A 190 28.09 -12.14 27.13
N ARG A 191 28.38 -10.96 26.60
CA ARG A 191 28.67 -10.85 25.17
C ARG A 191 27.51 -11.44 24.38
N ILE A 192 26.32 -10.96 24.70
CA ILE A 192 25.08 -11.36 24.06
C ILE A 192 24.63 -10.23 23.15
N TYR A 193 24.34 -10.53 21.89
CA TYR A 193 23.88 -9.49 20.97
C TYR A 193 22.59 -9.88 20.26
N THR A 194 21.64 -8.96 20.25
CA THR A 194 20.37 -9.22 19.59
C THR A 194 19.76 -7.91 19.15
N HIS A 195 18.68 -7.99 18.42
CA HIS A 195 18.04 -6.77 17.97
C HIS A 195 17.66 -6.00 19.21
N GLN A 196 17.39 -6.70 20.29
CA GLN A 196 17.02 -6.00 21.50
C GLN A 196 18.22 -5.30 22.12
N SER A 197 19.40 -5.87 21.94
CA SER A 197 20.58 -5.23 22.50
C SER A 197 20.89 -4.03 21.61
N ASP A 198 20.52 -4.12 20.34
CA ASP A 198 20.76 -2.99 19.45
C ASP A 198 19.87 -1.84 19.92
N VAL A 199 18.62 -2.13 20.23
CA VAL A 199 17.70 -1.09 20.67
C VAL A 199 18.27 -0.31 21.83
N TRP A 200 19.12 -0.97 22.59
CA TRP A 200 19.74 -0.31 23.72
C TRP A 200 20.65 0.76 23.14
N SER A 201 21.52 0.30 22.26
CA SER A 201 22.45 1.19 21.58
C SER A 201 21.67 2.30 20.84
N TYR A 202 20.65 1.93 20.07
CA TYR A 202 19.88 2.97 19.42
C TYR A 202 19.65 4.00 20.49
N GLY A 203 19.17 3.52 21.63
CA GLY A 203 18.90 4.38 22.78
C GLY A 203 20.00 5.39 23.07
N VAL A 204 21.24 4.94 23.20
CA VAL A 204 22.35 5.86 23.46
C VAL A 204 22.54 6.83 22.29
N THR A 205 22.47 6.29 21.08
CA THR A 205 22.64 7.08 19.88
C THR A 205 21.70 8.27 19.89
N VAL A 206 20.46 8.04 20.28
CA VAL A 206 19.54 9.15 20.35
C VAL A 206 19.98 10.16 21.42
N TRP A 207 20.57 9.66 22.50
CA TRP A 207 21.02 10.53 23.57
C TRP A 207 22.15 11.39 23.06
N GLU A 208 23.12 10.78 22.37
CA GLU A 208 24.23 11.54 21.83
C GLU A 208 23.69 12.71 20.99
N LEU A 209 22.74 12.41 20.12
CA LEU A 209 22.16 13.44 19.30
C LEU A 209 21.52 14.51 20.19
N MET A 210 20.47 14.17 20.92
CA MET A 210 19.78 15.13 21.79
C MET A 210 20.68 16.01 22.67
N THR A 211 21.88 15.54 22.99
CA THR A 211 22.79 16.34 23.79
C THR A 211 23.91 16.84 22.92
N PHE A 212 23.59 17.09 21.66
CA PHE A 212 24.55 17.58 20.67
C PHE A 212 25.96 16.99 20.72
N GLY A 213 26.06 15.67 20.86
CA GLY A 213 27.37 15.03 20.86
C GLY A 213 28.10 14.87 22.17
N SER A 214 27.37 14.94 23.28
CA SER A 214 27.98 14.80 24.59
C SER A 214 28.44 13.38 24.76
N LYS A 215 29.57 13.20 25.45
CA LYS A 215 30.10 11.86 25.70
C LYS A 215 29.25 11.24 26.83
N PRO A 216 28.70 10.04 26.59
CA PRO A 216 27.86 9.34 27.55
C PRO A 216 28.66 8.83 28.74
N TYR A 217 28.09 8.96 29.94
CA TYR A 217 28.79 8.50 31.13
C TYR A 217 30.21 9.08 31.10
N ASP A 218 30.32 10.39 30.87
CA ASP A 218 31.63 11.01 30.81
C ASP A 218 32.30 11.21 32.16
N GLY A 219 33.44 10.55 32.34
CA GLY A 219 34.17 10.64 33.59
C GLY A 219 34.25 9.27 34.22
N ILE A 220 33.15 8.52 34.14
CA ILE A 220 33.06 7.18 34.69
C ILE A 220 33.84 6.17 33.84
N PRO A 221 34.81 5.47 34.43
CA PRO A 221 35.56 4.50 33.63
C PRO A 221 34.61 3.44 33.08
N ALA A 222 35.04 2.76 32.02
CA ALA A 222 34.18 1.75 31.39
C ALA A 222 33.93 0.62 32.37
N SER A 223 35.03 0.19 32.95
CA SER A 223 35.04 -0.88 33.93
C SER A 223 34.01 -0.69 35.01
N GLU A 224 33.56 0.55 35.21
CA GLU A 224 32.59 0.82 36.26
C GLU A 224 31.16 0.81 35.75
N ILE A 225 30.98 0.80 34.43
CA ILE A 225 29.65 0.87 33.84
C ILE A 225 28.67 -0.23 34.15
N SER A 226 29.12 -1.49 34.10
CA SER A 226 28.18 -2.58 34.35
C SER A 226 27.49 -2.38 35.68
N SER A 227 28.29 -2.08 36.70
CA SER A 227 27.78 -1.89 38.03
C SER A 227 26.73 -0.80 38.13
N ILE A 228 27.14 0.44 37.92
CA ILE A 228 26.19 1.56 38.02
C ILE A 228 24.93 1.24 37.23
N LEU A 229 25.11 0.49 36.15
CA LEU A 229 24.01 0.11 35.30
C LEU A 229 23.03 -0.77 36.07
N GLU A 230 23.58 -1.81 36.74
CA GLU A 230 22.77 -2.72 37.53
C GLU A 230 22.11 -2.03 38.72
N LYS A 231 22.75 -0.97 39.20
CA LYS A 231 22.27 -0.22 40.35
C LYS A 231 21.06 0.65 40.01
N GLY A 232 20.82 0.89 38.73
CA GLY A 232 19.68 1.70 38.34
C GLY A 232 20.09 3.03 37.72
N GLU A 233 21.37 3.14 37.37
CA GLU A 233 21.91 4.35 36.76
C GLU A 233 21.65 4.39 35.25
N ARG A 234 21.36 5.57 34.74
CA ARG A 234 21.12 5.73 33.31
C ARG A 234 21.58 7.11 32.86
N LEU A 235 21.73 7.30 31.55
CA LEU A 235 22.13 8.60 31.03
C LEU A 235 21.03 9.57 31.41
N PRO A 236 21.39 10.80 31.77
CA PRO A 236 20.43 11.83 32.17
C PRO A 236 19.53 12.40 31.08
N GLN A 237 18.44 13.01 31.53
CA GLN A 237 17.51 13.63 30.61
C GLN A 237 18.24 14.78 29.94
N PRO A 238 18.38 14.75 28.60
CA PRO A 238 19.09 15.86 27.96
C PRO A 238 18.30 17.13 28.17
N PRO A 239 19.00 18.27 28.21
CA PRO A 239 18.42 19.60 28.41
C PRO A 239 17.21 19.92 27.52
N ILE A 240 17.38 19.75 26.21
CA ILE A 240 16.32 20.03 25.25
C ILE A 240 15.15 19.02 25.19
N CYS A 241 15.26 17.92 25.93
CA CYS A 241 14.23 16.89 25.90
C CYS A 241 13.11 17.02 26.88
N THR A 242 11.88 16.90 26.37
CA THR A 242 10.72 16.95 27.23
C THR A 242 10.77 15.56 27.86
N ILE A 243 9.90 15.33 28.83
CA ILE A 243 9.90 14.04 29.50
C ILE A 243 9.47 12.94 28.54
N ASP A 244 8.57 13.29 27.63
CA ASP A 244 8.07 12.35 26.65
C ASP A 244 9.18 11.68 25.85
N VAL A 245 10.13 12.47 25.35
CA VAL A 245 11.22 11.92 24.55
C VAL A 245 12.15 11.07 25.38
N TYR A 246 12.66 11.65 26.46
CA TYR A 246 13.59 10.96 27.33
C TYR A 246 13.02 9.61 27.68
N MET A 247 11.76 9.61 28.09
CA MET A 247 11.12 8.38 28.48
C MET A 247 11.37 7.20 27.55
N ILE A 248 11.32 7.47 26.25
CA ILE A 248 11.55 6.43 25.26
C ILE A 248 13.00 6.02 25.23
N MET A 249 13.88 6.95 25.54
CA MET A 249 15.30 6.66 25.52
C MET A 249 15.57 5.73 26.69
N VAL A 250 14.84 5.95 27.78
CA VAL A 250 15.00 5.16 28.99
C VAL A 250 14.56 3.74 28.79
N LYS A 251 13.39 3.56 28.21
CA LYS A 251 12.88 2.23 27.97
C LYS A 251 13.79 1.34 27.15
N CYS A 252 14.74 1.92 26.43
CA CYS A 252 15.63 1.09 25.63
C CYS A 252 16.72 0.56 26.53
N TRP A 253 16.74 1.05 27.77
CA TRP A 253 17.75 0.62 28.72
C TRP A 253 17.22 -0.23 29.88
N MET A 254 16.10 -0.89 29.68
CA MET A 254 15.56 -1.76 30.70
C MET A 254 16.48 -2.96 30.78
N ILE A 255 16.53 -3.59 31.95
CA ILE A 255 17.38 -4.77 32.13
C ILE A 255 16.91 -5.94 31.31
N ASP A 256 15.59 -6.10 31.21
CA ASP A 256 15.02 -7.19 30.43
C ASP A 256 14.90 -6.80 28.98
N ALA A 257 15.80 -7.32 28.18
CA ALA A 257 15.78 -7.03 26.77
C ALA A 257 14.35 -7.04 26.24
N ASP A 258 13.58 -8.08 26.54
CA ASP A 258 12.21 -8.16 26.03
C ASP A 258 11.24 -7.06 26.42
N SER A 259 11.68 -6.10 27.23
CA SER A 259 10.75 -5.05 27.59
C SER A 259 11.14 -3.77 26.88
N ARG A 260 12.28 -3.82 26.20
CA ARG A 260 12.80 -2.71 25.41
C ARG A 260 11.96 -2.53 24.15
N PRO A 261 11.65 -1.27 23.79
CA PRO A 261 10.85 -1.01 22.58
C PRO A 261 11.42 -1.73 21.37
N LYS A 262 10.54 -2.03 20.42
CA LYS A 262 10.97 -2.71 19.21
C LYS A 262 11.14 -1.61 18.18
N PHE A 263 12.12 -1.78 17.29
CA PHE A 263 12.38 -0.79 16.24
C PHE A 263 11.12 -0.31 15.52
N ARG A 264 10.26 -1.24 15.12
CA ARG A 264 9.02 -0.82 14.45
C ARG A 264 8.19 0.13 15.35
N GLU A 265 8.31 -0.05 16.67
CA GLU A 265 7.58 0.79 17.62
C GLU A 265 8.25 2.15 17.64
N LEU A 266 9.58 2.11 17.74
CA LEU A 266 10.37 3.32 17.77
C LEU A 266 10.05 4.13 16.54
N ILE A 267 10.23 3.54 15.35
CA ILE A 267 9.91 4.24 14.10
C ILE A 267 8.59 4.99 14.22
N ILE A 268 7.56 4.31 14.68
CA ILE A 268 6.26 4.95 14.82
C ILE A 268 6.26 6.11 15.79
N GLU A 269 6.90 5.96 16.95
CA GLU A 269 6.95 7.03 17.94
C GLU A 269 7.57 8.29 17.36
N PHE A 270 8.87 8.23 17.10
CA PHE A 270 9.56 9.37 16.54
C PHE A 270 8.89 9.96 15.31
N SER A 271 8.27 9.13 14.48
CA SER A 271 7.57 9.65 13.32
C SER A 271 6.48 10.62 13.81
N LYS A 272 5.80 10.22 14.87
CA LYS A 272 4.75 11.04 15.42
C LYS A 272 5.29 12.37 15.96
N MET A 273 6.35 12.29 16.75
CA MET A 273 6.96 13.48 17.33
C MET A 273 7.47 14.38 16.22
N ALA A 274 8.11 13.79 15.22
CA ALA A 274 8.64 14.55 14.10
C ALA A 274 7.52 15.39 13.52
N ARG A 275 6.29 14.99 13.83
CA ARG A 275 5.11 15.67 13.33
C ARG A 275 4.67 16.86 14.17
N ASP A 276 5.47 17.21 15.16
CA ASP A 276 5.17 18.35 16.03
C ASP A 276 6.42 18.52 16.87
N PRO A 277 7.57 18.56 16.19
CA PRO A 277 8.88 18.69 16.85
C PRO A 277 8.90 19.64 18.03
N GLN A 278 8.60 20.90 17.80
CA GLN A 278 8.63 21.87 18.86
C GLN A 278 7.78 21.52 20.10
N ARG A 279 7.09 20.40 20.05
CA ARG A 279 6.30 20.02 21.20
C ARG A 279 7.00 18.93 22.00
N TYR A 280 8.10 18.42 21.47
CA TYR A 280 8.81 17.38 22.16
C TYR A 280 10.25 17.76 22.47
N LEU A 281 10.81 18.66 21.65
CA LEU A 281 12.17 19.11 21.87
C LEU A 281 12.14 20.62 21.92
N VAL A 282 12.68 21.18 22.98
CA VAL A 282 12.70 22.63 23.11
C VAL A 282 14.12 23.14 22.93
N ILE A 283 14.36 23.84 21.83
CA ILE A 283 15.68 24.39 21.52
C ILE A 283 15.58 25.89 21.31
N GLN A 284 16.67 26.60 21.54
CA GLN A 284 16.65 28.05 21.36
C GLN A 284 16.46 28.41 19.89
N GLY A 285 15.23 28.77 19.53
CA GLY A 285 14.92 29.13 18.16
C GLY A 285 13.88 28.21 17.54
N PRO A 294 22.64 24.43 7.30
CA PRO A 294 23.98 24.11 7.82
C PRO A 294 25.00 23.92 6.70
N THR A 295 24.84 22.85 5.94
CA THR A 295 25.70 22.53 4.79
C THR A 295 27.21 22.71 5.00
N ASP A 296 27.80 21.96 5.92
CA ASP A 296 29.23 22.03 6.09
C ASP A 296 29.73 21.23 7.26
N SER A 297 31.00 20.85 7.18
CA SER A 297 31.66 20.09 8.22
C SER A 297 33.14 20.03 7.88
N ASN A 298 34.00 20.13 8.88
CA ASN A 298 35.44 20.10 8.62
C ASN A 298 35.89 18.79 7.99
N PHE A 299 34.97 17.84 7.86
CA PHE A 299 35.30 16.57 7.21
C PHE A 299 35.11 16.84 5.72
N TYR A 300 34.13 17.72 5.44
CA TYR A 300 33.79 18.10 4.09
C TYR A 300 34.90 18.97 3.54
N ARG A 301 35.53 19.74 4.42
CA ARG A 301 36.62 20.61 4.04
C ARG A 301 37.82 19.80 3.61
N ALA A 302 37.87 18.54 4.05
CA ALA A 302 38.97 17.63 3.71
C ALA A 302 38.67 16.85 2.43
N LEU A 303 37.41 16.90 1.99
CA LEU A 303 37.00 16.20 0.78
C LEU A 303 36.64 17.24 -0.29
N MET A 304 37.47 18.28 -0.40
CA MET A 304 37.25 19.35 -1.37
C MET A 304 38.57 19.95 -1.81
N LEU B 5 -14.88 2.71 14.37
CA LEU B 5 -16.12 3.11 15.10
C LEU B 5 -16.63 4.47 14.61
N LEU B 6 -17.81 4.85 15.07
CA LEU B 6 -18.44 6.12 14.70
C LEU B 6 -19.48 6.51 15.74
N ARG B 7 -19.15 7.45 16.61
CA ARG B 7 -20.12 7.89 17.63
C ARG B 7 -21.34 8.53 16.98
N ILE B 8 -22.52 8.28 17.55
CA ILE B 8 -23.75 8.82 16.99
C ILE B 8 -24.42 9.86 17.91
N LEU B 9 -23.60 10.69 18.55
CA LEU B 9 -24.07 11.73 19.47
C LEU B 9 -25.38 12.41 19.11
N LYS B 10 -26.14 12.76 20.15
CA LYS B 10 -27.42 13.44 19.98
C LYS B 10 -27.25 14.88 20.44
N GLU B 11 -28.10 15.76 19.93
CA GLU B 11 -28.08 17.19 20.23
C GLU B 11 -27.28 17.60 21.47
N THR B 12 -27.54 16.94 22.59
CA THR B 12 -26.92 17.23 23.88
C THR B 12 -25.44 16.86 24.09
N GLU B 13 -24.83 16.21 23.11
CA GLU B 13 -23.44 15.79 23.26
C GLU B 13 -22.40 16.80 22.76
N PHE B 14 -22.87 17.82 22.05
CA PHE B 14 -21.97 18.83 21.52
C PHE B 14 -22.64 20.19 21.46
N LYS B 15 -21.82 21.24 21.34
CA LYS B 15 -22.31 22.61 21.26
C LYS B 15 -21.44 23.46 20.35
N LYS B 16 -22.09 24.26 19.51
CA LYS B 16 -21.41 25.16 18.57
C LYS B 16 -21.11 26.44 19.33
N ILE B 17 -19.84 26.85 19.31
CA ILE B 17 -19.46 28.07 20.01
C ILE B 17 -19.39 29.29 19.10
N LYS B 18 -18.55 29.21 18.07
CA LYS B 18 -18.38 30.32 17.13
C LYS B 18 -18.38 29.78 15.69
N VAL B 19 -19.00 30.50 14.76
CA VAL B 19 -18.99 30.05 13.37
C VAL B 19 -17.66 30.46 12.78
N LEU B 20 -17.03 29.51 12.11
CA LEU B 20 -15.74 29.75 11.52
C LEU B 20 -15.88 30.16 10.06
N GLY B 21 -16.79 29.49 9.36
CA GLY B 21 -16.99 29.81 7.96
C GLY B 21 -17.96 28.86 7.31
N SER B 22 -18.42 29.22 6.11
CA SER B 22 -19.36 28.37 5.40
C SER B 22 -19.05 28.23 3.94
N GLY B 23 -18.97 26.98 3.52
CA GLY B 23 -18.72 26.68 2.13
C GLY B 23 -20.05 26.30 1.51
N ALA B 24 -19.99 25.69 0.33
CA ALA B 24 -21.18 25.26 -0.37
C ALA B 24 -21.83 24.04 0.27
N PHE B 25 -21.02 23.20 0.89
CA PHE B 25 -21.55 22.01 1.50
C PHE B 25 -22.17 22.23 2.86
N GLY B 26 -22.04 23.45 3.38
CA GLY B 26 -22.62 23.76 4.68
C GLY B 26 -21.71 24.62 5.53
N THR B 27 -22.16 24.99 6.72
CA THR B 27 -21.36 25.84 7.62
C THR B 27 -20.48 25.04 8.59
N VAL B 28 -19.36 25.63 8.98
CA VAL B 28 -18.45 24.97 9.91
C VAL B 28 -18.33 25.77 11.19
N TYR B 29 -18.44 25.10 12.32
CA TYR B 29 -18.36 25.79 13.60
C TYR B 29 -17.31 25.25 14.53
N LYS B 30 -16.81 26.14 15.38
CA LYS B 30 -15.86 25.75 16.39
C LYS B 30 -16.80 25.28 17.49
N GLY B 31 -16.53 24.11 18.07
CA GLY B 31 -17.41 23.62 19.11
C GLY B 31 -16.74 22.75 20.12
N LEU B 32 -17.55 22.24 21.04
CA LEU B 32 -17.10 21.36 22.10
C LEU B 32 -17.89 20.08 22.11
N TRP B 33 -17.18 18.96 22.25
CA TRP B 33 -17.81 17.65 22.29
C TRP B 33 -17.74 17.11 23.70
N ILE B 34 -18.87 17.20 24.39
CA ILE B 34 -18.97 16.72 25.77
C ILE B 34 -19.91 15.51 25.79
N PRO B 35 -19.38 14.32 25.44
CA PRO B 35 -20.18 13.08 25.42
C PRO B 35 -20.70 12.67 26.80
N GLU B 36 -22.00 12.43 26.91
CA GLU B 36 -22.66 12.04 28.18
C GLU B 36 -21.81 11.09 29.02
N GLY B 37 -21.47 11.54 30.22
CA GLY B 37 -20.64 10.73 31.08
C GLY B 37 -19.53 11.53 31.71
N GLU B 38 -18.32 11.39 31.21
CA GLU B 38 -17.20 12.13 31.81
C GLU B 38 -17.21 13.62 31.51
N LYS B 39 -16.13 14.24 31.96
CA LYS B 39 -15.91 15.67 31.78
C LYS B 39 -14.84 15.92 30.74
N VAL B 40 -15.05 15.40 29.54
CA VAL B 40 -14.08 15.58 28.49
C VAL B 40 -14.49 16.70 27.54
N LYS B 41 -14.32 17.94 27.98
CA LYS B 41 -14.63 19.09 27.13
C LYS B 41 -13.71 18.93 25.92
N ILE B 42 -14.26 18.44 24.81
CA ILE B 42 -13.45 18.22 23.61
C ILE B 42 -13.63 19.27 22.52
N PRO B 43 -12.54 19.97 22.17
CA PRO B 43 -12.63 20.98 21.12
C PRO B 43 -12.70 20.29 19.76
N VAL B 44 -13.79 20.55 19.03
CA VAL B 44 -13.96 19.95 17.72
C VAL B 44 -14.34 20.94 16.63
N ALA B 45 -14.81 20.38 15.52
CA ALA B 45 -15.24 21.14 14.37
C ALA B 45 -16.59 20.53 14.03
N ILE B 46 -17.64 21.32 14.06
CA ILE B 46 -18.95 20.81 13.75
C ILE B 46 -19.51 21.35 12.44
N LYS B 47 -19.26 20.63 11.36
CA LYS B 47 -19.75 21.03 10.04
C LYS B 47 -21.16 20.49 9.84
N GLU B 48 -22.13 21.40 9.70
CA GLU B 48 -23.53 21.04 9.47
C GLU B 48 -23.87 21.22 8.02
N LEU B 49 -24.14 20.13 7.32
CA LEU B 49 -24.41 20.10 5.89
C LEU B 49 -25.63 20.82 5.38
N ARG B 50 -25.56 21.17 4.10
CA ARG B 50 -26.62 21.86 3.42
C ARG B 50 -27.75 20.88 3.17
N GLU B 51 -28.94 21.42 2.93
CA GLU B 51 -30.04 20.54 2.60
C GLU B 51 -29.58 19.85 1.31
N ALA B 52 -29.61 18.53 1.29
CA ALA B 52 -29.19 17.83 0.09
C ALA B 52 -29.96 18.30 -1.14
N THR B 53 -29.39 17.99 -2.30
CA THR B 53 -30.06 18.34 -3.55
C THR B 53 -30.91 17.15 -3.90
N SER B 54 -30.50 15.99 -3.37
CA SER B 54 -31.16 14.73 -3.62
C SER B 54 -31.57 14.03 -2.35
N PRO B 55 -32.56 13.16 -2.51
CA PRO B 55 -33.11 12.37 -1.44
C PRO B 55 -32.13 11.28 -1.06
N LYS B 56 -31.84 11.14 0.22
CA LYS B 56 -30.93 10.08 0.64
C LYS B 56 -31.28 9.62 2.02
N ALA B 57 -32.22 8.70 2.06
CA ALA B 57 -32.71 8.14 3.30
C ALA B 57 -31.60 8.10 4.32
N ASN B 58 -31.90 8.58 5.53
CA ASN B 58 -30.93 8.62 6.60
C ASN B 58 -30.22 7.27 6.81
N LYS B 59 -30.70 6.24 6.12
CA LYS B 59 -30.11 4.91 6.20
C LYS B 59 -28.72 4.94 5.56
N GLU B 60 -28.67 5.35 4.30
CA GLU B 60 -27.39 5.42 3.59
C GLU B 60 -26.51 6.58 4.04
N ILE B 61 -27.12 7.72 4.34
CA ILE B 61 -26.34 8.87 4.79
C ILE B 61 -25.53 8.36 5.96
N LEU B 62 -26.17 7.47 6.72
CA LEU B 62 -25.58 6.87 7.90
C LEU B 62 -24.45 5.91 7.53
N ASP B 63 -24.56 5.27 6.37
CA ASP B 63 -23.52 4.33 5.96
C ASP B 63 -22.26 5.04 5.52
N GLU B 64 -22.40 5.95 4.56
CA GLU B 64 -21.24 6.69 4.06
C GLU B 64 -20.47 7.16 5.29
N ALA B 65 -21.20 7.70 6.25
CA ALA B 65 -20.61 8.21 7.47
C ALA B 65 -19.65 7.21 8.13
N TYR B 66 -19.94 5.92 7.98
CA TYR B 66 -19.07 4.92 8.59
C TYR B 66 -17.73 4.89 7.85
N VAL B 67 -17.79 4.91 6.53
CA VAL B 67 -16.57 4.88 5.76
C VAL B 67 -15.70 6.05 6.18
N MET B 68 -16.29 7.24 6.19
CA MET B 68 -15.56 8.45 6.58
C MET B 68 -15.03 8.27 8.00
N ALA B 69 -15.72 7.43 8.76
CA ALA B 69 -15.36 7.15 10.15
C ALA B 69 -14.25 6.12 10.19
N SER B 70 -14.14 5.34 9.12
CA SER B 70 -13.13 4.28 9.05
C SER B 70 -11.76 4.67 8.52
N VAL B 71 -11.64 5.83 7.89
CA VAL B 71 -10.32 6.19 7.39
C VAL B 71 -9.34 6.39 8.55
N ASP B 72 -8.36 5.49 8.67
CA ASP B 72 -7.40 5.63 9.74
C ASP B 72 -5.99 5.84 9.24
N ASN B 73 -5.63 7.10 9.05
CA ASN B 73 -4.29 7.44 8.57
C ASN B 73 -3.95 8.86 9.04
N PRO B 74 -2.70 9.06 9.46
CA PRO B 74 -2.25 10.36 9.93
C PRO B 74 -2.38 11.48 8.91
N HIS B 75 -2.61 11.14 7.66
CA HIS B 75 -2.72 12.20 6.67
C HIS B 75 -4.06 12.30 5.97
N VAL B 76 -5.09 11.82 6.63
CA VAL B 76 -6.41 11.90 6.06
C VAL B 76 -7.33 12.08 7.24
N CYS B 77 -8.07 13.17 7.26
CA CYS B 77 -8.97 13.46 8.36
C CYS B 77 -10.05 12.42 8.48
N ARG B 78 -10.34 12.00 9.70
CA ARG B 78 -11.36 10.99 9.92
C ARG B 78 -12.59 11.57 10.60
N LEU B 79 -13.76 11.04 10.26
CA LEU B 79 -15.01 11.51 10.86
C LEU B 79 -15.09 10.94 12.27
N LEU B 80 -15.33 11.80 13.25
CA LEU B 80 -15.42 11.36 14.64
C LEU B 80 -16.84 10.99 15.02
N GLY B 81 -17.78 11.83 14.63
CA GLY B 81 -19.16 11.55 14.97
C GLY B 81 -20.11 12.26 14.05
N ILE B 82 -21.32 11.73 13.93
CA ILE B 82 -22.33 12.32 13.07
C ILE B 82 -23.54 12.56 13.95
N CYS B 83 -24.53 13.29 13.43
CA CYS B 83 -25.75 13.56 14.19
C CYS B 83 -26.88 13.94 13.27
N LEU B 84 -27.74 12.95 13.03
CA LEU B 84 -28.89 13.12 12.15
C LEU B 84 -30.14 13.58 12.87
N THR B 85 -30.44 14.87 12.76
CA THR B 85 -31.63 15.43 13.35
C THR B 85 -32.38 15.81 12.08
N SER B 86 -32.92 17.02 12.00
CA SER B 86 -33.61 17.41 10.77
C SER B 86 -32.49 17.78 9.80
N THR B 87 -31.28 17.84 10.33
CA THR B 87 -30.09 18.18 9.57
C THR B 87 -29.10 17.03 9.69
N VAL B 88 -27.86 17.30 9.31
CA VAL B 88 -26.80 16.32 9.40
C VAL B 88 -25.60 17.12 9.82
N GLN B 89 -25.08 16.81 11.01
CA GLN B 89 -23.92 17.51 11.51
C GLN B 89 -22.78 16.52 11.61
N LEU B 90 -21.63 16.87 11.05
CA LEU B 90 -20.46 16.00 11.11
C LEU B 90 -19.56 16.62 12.17
N ILE B 91 -18.74 15.78 12.81
CA ILE B 91 -17.87 16.30 13.85
C ILE B 91 -16.46 15.73 13.73
N THR B 92 -15.51 16.61 13.48
CA THR B 92 -14.15 16.16 13.34
C THR B 92 -13.18 16.95 14.18
N GLN B 93 -11.97 16.42 14.26
CA GLN B 93 -10.93 17.06 15.01
C GLN B 93 -10.71 18.40 14.38
N LEU B 94 -10.71 19.43 15.20
CA LEU B 94 -10.48 20.78 14.73
C LEU B 94 -9.04 20.92 14.26
N MET B 95 -8.84 21.61 13.14
CA MET B 95 -7.48 21.83 12.63
C MET B 95 -7.12 23.29 12.85
N PRO B 96 -6.29 23.54 13.85
CA PRO B 96 -5.80 24.87 14.23
C PRO B 96 -5.47 25.83 13.10
N PHE B 97 -4.38 25.52 12.40
CA PHE B 97 -3.87 26.35 11.32
C PHE B 97 -4.64 26.48 10.02
N GLY B 98 -5.84 25.92 9.93
CA GLY B 98 -6.57 26.02 8.67
C GLY B 98 -5.95 25.24 7.50
N CYS B 99 -6.42 25.56 6.28
CA CYS B 99 -5.97 24.88 5.06
C CYS B 99 -4.60 25.29 4.55
N LEU B 100 -3.92 24.34 3.94
CA LEU B 100 -2.57 24.53 3.39
C LEU B 100 -2.49 25.55 2.26
N LEU B 101 -3.62 25.85 1.64
CA LEU B 101 -3.64 26.82 0.56
C LEU B 101 -3.36 28.16 1.16
N ASP B 102 -4.31 28.67 1.94
CA ASP B 102 -4.13 29.94 2.62
C ASP B 102 -2.77 29.98 3.29
N TYR B 103 -2.47 28.95 4.08
CA TYR B 103 -1.21 28.87 4.80
C TYR B 103 0.03 29.22 3.97
N VAL B 104 0.22 28.53 2.86
CA VAL B 104 1.39 28.76 2.01
C VAL B 104 1.39 30.12 1.34
N ARG B 105 0.20 30.69 1.15
CA ARG B 105 0.13 32.00 0.53
C ARG B 105 0.57 33.01 1.56
N GLU B 106 0.11 32.81 2.79
CA GLU B 106 0.41 33.71 3.88
C GLU B 106 1.82 33.57 4.43
N HIS B 107 2.65 32.74 3.81
CA HIS B 107 4.01 32.53 4.27
C HIS B 107 4.98 32.30 3.13
N LYS B 108 4.59 32.71 1.92
CA LYS B 108 5.43 32.54 0.75
C LYS B 108 6.88 32.77 1.11
N ASP B 109 7.08 33.83 1.89
CA ASP B 109 8.41 34.24 2.33
C ASP B 109 8.90 33.54 3.61
N ASN B 110 8.50 32.29 3.83
CA ASN B 110 8.92 31.59 5.03
C ASN B 110 8.99 30.09 4.85
N ILE B 111 8.49 29.61 3.74
CA ILE B 111 8.45 28.19 3.47
C ILE B 111 9.63 27.75 2.66
N GLY B 112 10.48 26.91 3.26
CA GLY B 112 11.67 26.42 2.58
C GLY B 112 11.43 25.16 1.78
N SER B 113 12.42 24.76 0.99
CA SER B 113 12.29 23.58 0.13
C SER B 113 11.89 22.30 0.85
N GLN B 114 12.27 22.19 2.12
CA GLN B 114 11.97 21.01 2.89
C GLN B 114 10.50 20.90 3.31
N TYR B 115 9.86 22.00 3.70
CA TYR B 115 8.46 21.93 4.09
C TYR B 115 7.56 21.64 2.90
N LEU B 116 8.01 22.02 1.71
CA LEU B 116 7.21 21.80 0.51
C LEU B 116 7.28 20.35 0.08
N LEU B 117 8.50 19.83 -0.06
CA LEU B 117 8.66 18.44 -0.47
C LEU B 117 8.01 17.51 0.56
N ASN B 118 8.04 17.90 1.83
CA ASN B 118 7.48 17.08 2.89
C ASN B 118 5.96 17.01 2.80
N TRP B 119 5.31 18.15 2.59
CA TRP B 119 3.86 18.13 2.46
C TRP B 119 3.47 17.28 1.26
N CYS B 120 4.30 17.31 0.25
CA CYS B 120 4.04 16.53 -0.94
C CYS B 120 3.97 15.06 -0.54
N VAL B 121 5.07 14.57 0.04
CA VAL B 121 5.14 13.19 0.49
C VAL B 121 3.92 12.81 1.33
N GLN B 122 3.63 13.63 2.34
CA GLN B 122 2.48 13.37 3.20
C GLN B 122 1.19 13.22 2.41
N ILE B 123 0.87 14.24 1.63
CA ILE B 123 -0.36 14.19 0.83
C ILE B 123 -0.38 12.92 -0.01
N ALA B 124 0.78 12.57 -0.56
CA ALA B 124 0.84 11.36 -1.37
C ALA B 124 0.44 10.18 -0.51
N GLU B 125 1.06 10.08 0.67
CA GLU B 125 0.80 8.99 1.60
C GLU B 125 -0.71 8.87 1.82
N GLY B 126 -1.30 9.97 2.25
CA GLY B 126 -2.73 9.99 2.51
C GLY B 126 -3.57 9.46 1.37
N MET B 127 -3.29 9.95 0.16
CA MET B 127 -4.03 9.53 -1.02
C MET B 127 -3.78 8.05 -1.26
N ASN B 128 -2.52 7.64 -1.09
CA ASN B 128 -2.19 6.25 -1.31
C ASN B 128 -2.90 5.33 -0.33
N TYR B 129 -3.25 5.86 0.83
CA TYR B 129 -3.98 5.07 1.82
C TYR B 129 -5.41 4.92 1.28
N LEU B 130 -5.98 6.02 0.81
CA LEU B 130 -7.33 5.99 0.27
C LEU B 130 -7.44 5.06 -0.92
N GLU B 131 -6.37 4.95 -1.71
CA GLU B 131 -6.40 4.06 -2.87
C GLU B 131 -6.43 2.63 -2.38
N ASP B 132 -5.49 2.28 -1.50
CA ASP B 132 -5.39 0.94 -0.92
C ASP B 132 -6.73 0.48 -0.36
N ARG B 133 -7.58 1.44 -0.02
CA ARG B 133 -8.89 1.11 0.50
C ARG B 133 -9.95 1.26 -0.56
N ARG B 134 -9.50 1.29 -1.81
CA ARG B 134 -10.38 1.44 -2.97
C ARG B 134 -11.33 2.62 -2.84
N LEU B 135 -10.80 3.75 -2.40
CA LEU B 135 -11.58 4.98 -2.24
C LEU B 135 -11.01 6.11 -3.07
N VAL B 136 -11.88 6.79 -3.79
CA VAL B 136 -11.45 7.90 -4.64
C VAL B 136 -11.89 9.19 -3.99
N HIS B 137 -10.97 10.13 -3.81
CA HIS B 137 -11.32 11.39 -3.17
C HIS B 137 -12.19 12.27 -4.02
N ARG B 138 -11.73 12.56 -5.23
CA ARG B 138 -12.50 13.37 -6.17
C ARG B 138 -12.41 14.89 -6.03
N ASP B 139 -11.84 15.37 -4.93
CA ASP B 139 -11.75 16.82 -4.76
C ASP B 139 -10.48 17.26 -4.07
N LEU B 140 -9.44 16.46 -4.24
CA LEU B 140 -8.17 16.80 -3.66
C LEU B 140 -7.74 18.15 -4.22
N ALA B 141 -7.11 18.97 -3.36
CA ALA B 141 -6.68 20.31 -3.74
C ALA B 141 -6.15 21.04 -2.51
N ALA B 142 -5.15 21.90 -2.70
CA ALA B 142 -4.59 22.65 -1.60
C ALA B 142 -5.65 23.21 -0.64
N ARG B 143 -6.83 23.57 -1.13
CA ARG B 143 -7.85 24.10 -0.23
C ARG B 143 -8.52 23.00 0.56
N ASN B 144 -8.05 21.78 0.35
CA ASN B 144 -8.63 20.64 1.02
C ASN B 144 -7.57 19.82 1.76
N VAL B 145 -6.49 20.49 2.11
CA VAL B 145 -5.45 19.88 2.88
C VAL B 145 -5.36 20.78 4.08
N LEU B 146 -5.53 20.21 5.28
CA LEU B 146 -5.51 21.01 6.51
C LEU B 146 -4.20 20.88 7.24
N VAL B 147 -3.84 21.93 7.98
CA VAL B 147 -2.59 21.92 8.73
C VAL B 147 -2.83 21.66 10.21
N LYS B 148 -2.25 20.58 10.72
CA LYS B 148 -2.35 20.25 12.14
C LYS B 148 -1.20 21.06 12.68
N THR B 149 -0.05 20.93 12.01
CA THR B 149 1.17 21.66 12.36
C THR B 149 1.98 21.85 11.09
N PRO B 150 2.89 22.83 11.07
CA PRO B 150 3.70 23.04 9.87
C PRO B 150 4.38 21.76 9.37
N GLN B 151 4.51 20.76 10.23
CA GLN B 151 5.15 19.51 9.81
C GLN B 151 4.15 18.37 9.70
N HIS B 152 2.86 18.67 9.73
CA HIS B 152 1.88 17.60 9.64
C HIS B 152 0.60 18.11 9.02
N VAL B 153 0.35 17.67 7.78
CA VAL B 153 -0.86 18.06 7.05
C VAL B 153 -1.71 16.83 6.79
N LYS B 154 -2.97 17.05 6.49
CA LYS B 154 -3.85 15.95 6.20
C LYS B 154 -5.01 16.31 5.27
N ILE B 155 -5.23 15.43 4.30
CA ILE B 155 -6.27 15.61 3.30
C ILE B 155 -7.61 15.60 4.02
N THR B 156 -8.56 16.43 3.60
CA THR B 156 -9.86 16.48 4.26
C THR B 156 -11.02 16.44 3.31
N ASP B 157 -12.22 16.48 3.89
CA ASP B 157 -13.46 16.48 3.13
C ASP B 157 -13.79 15.18 2.41
N PHE B 158 -12.99 14.14 2.60
CA PHE B 158 -13.29 12.88 1.93
C PHE B 158 -14.72 12.41 2.23
N GLY B 159 -15.48 12.12 1.18
CA GLY B 159 -16.83 11.64 1.36
C GLY B 159 -17.91 12.69 1.53
N LEU B 160 -17.51 13.95 1.71
CA LEU B 160 -18.50 15.03 1.86
C LEU B 160 -19.35 15.18 0.60
N ALA B 161 -18.68 15.21 -0.55
CA ALA B 161 -19.34 15.36 -1.83
C ALA B 161 -20.47 14.36 -1.92
N LYS B 162 -20.09 13.10 -2.11
CA LYS B 162 -21.04 11.99 -2.23
C LYS B 162 -22.16 12.04 -1.22
N LEU B 163 -21.86 12.56 -0.04
CA LEU B 163 -22.85 12.64 1.03
C LEU B 163 -23.99 13.61 0.72
N LEU B 164 -23.95 14.24 -0.45
CA LEU B 164 -24.99 15.21 -0.82
C LEU B 164 -25.57 15.08 -2.25
N GLY B 165 -24.71 14.84 -3.24
CA GLY B 165 -25.16 14.69 -4.62
C GLY B 165 -24.10 15.07 -5.64
N LYS B 177 -21.64 23.71 -9.51
CA LYS B 177 -20.25 24.14 -9.34
C LYS B 177 -19.29 22.96 -9.35
N VAL B 178 -18.24 23.03 -10.16
CA VAL B 178 -17.25 21.97 -10.22
C VAL B 178 -15.84 22.51 -10.41
N PRO B 179 -14.88 21.95 -9.68
CA PRO B 179 -13.46 22.30 -9.70
C PRO B 179 -12.75 21.90 -10.98
N ILE B 180 -13.20 22.43 -12.10
CA ILE B 180 -12.63 22.13 -13.40
C ILE B 180 -11.11 22.18 -13.50
N LYS B 181 -10.51 23.19 -12.87
CA LYS B 181 -9.07 23.32 -12.99
C LYS B 181 -8.25 22.33 -12.20
N TRP B 182 -8.95 21.48 -11.44
CA TRP B 182 -8.29 20.43 -10.65
C TRP B 182 -8.69 19.06 -11.18
N MET B 183 -9.68 19.06 -12.05
CA MET B 183 -10.18 17.85 -12.65
C MET B 183 -9.31 17.37 -13.83
N ALA B 184 -9.20 16.04 -13.96
CA ALA B 184 -8.45 15.44 -15.04
C ALA B 184 -9.40 15.49 -16.21
N LEU B 185 -8.85 15.45 -17.41
CA LEU B 185 -9.66 15.53 -18.62
C LEU B 185 -10.92 14.63 -18.59
N GLU B 186 -10.74 13.34 -18.33
CA GLU B 186 -11.88 12.42 -18.30
C GLU B 186 -12.97 12.85 -17.33
N SER B 187 -12.57 13.32 -16.16
CA SER B 187 -13.54 13.74 -15.16
C SER B 187 -14.38 14.86 -15.74
N ILE B 188 -13.71 15.84 -16.37
CA ILE B 188 -14.43 16.96 -16.96
C ILE B 188 -15.37 16.53 -18.07
N LEU B 189 -14.86 15.78 -19.04
CA LEU B 189 -15.64 15.31 -20.17
C LEU B 189 -16.69 14.26 -19.87
N HIS B 190 -16.33 13.23 -19.11
CA HIS B 190 -17.30 12.16 -18.85
C HIS B 190 -17.70 11.99 -17.39
N ARG B 191 -17.17 12.85 -16.51
CA ARG B 191 -17.48 12.77 -15.08
C ARG B 191 -17.08 11.43 -14.46
N ILE B 192 -15.93 10.93 -14.92
CA ILE B 192 -15.36 9.69 -14.45
C ILE B 192 -14.42 10.08 -13.33
N TYR B 193 -14.32 9.25 -12.30
CA TYR B 193 -13.40 9.51 -11.19
C TYR B 193 -12.69 8.24 -10.79
N THR B 194 -11.38 8.28 -10.84
CA THR B 194 -10.61 7.12 -10.49
C THR B 194 -9.44 7.53 -9.66
N HIS B 195 -8.68 6.55 -9.22
CA HIS B 195 -7.51 6.85 -8.43
C HIS B 195 -6.61 7.62 -9.37
N GLN B 196 -6.66 7.27 -10.66
CA GLN B 196 -5.82 7.97 -11.62
C GLN B 196 -6.29 9.40 -11.85
N SER B 197 -7.59 9.65 -11.82
CA SER B 197 -8.02 11.03 -12.00
C SER B 197 -7.51 11.80 -10.78
N ASP B 198 -7.49 11.15 -9.62
CA ASP B 198 -7.00 11.76 -8.38
C ASP B 198 -5.55 12.17 -8.47
N VAL B 199 -4.76 11.33 -9.12
CA VAL B 199 -3.33 11.60 -9.32
C VAL B 199 -3.18 12.90 -10.09
N TRP B 200 -4.14 13.17 -10.98
CA TRP B 200 -4.12 14.39 -11.76
C TRP B 200 -4.15 15.54 -10.77
N SER B 201 -5.16 15.56 -9.91
CA SER B 201 -5.33 16.59 -8.90
C SER B 201 -4.12 16.70 -8.00
N TYR B 202 -3.60 15.55 -7.56
CA TYR B 202 -2.43 15.60 -6.73
C TYR B 202 -1.47 16.50 -7.48
N GLY B 203 -1.38 16.26 -8.78
CA GLY B 203 -0.50 17.06 -9.61
C GLY B 203 -0.72 18.55 -9.42
N VAL B 204 -1.96 19.01 -9.60
CA VAL B 204 -2.23 20.43 -9.42
C VAL B 204 -1.99 20.90 -7.98
N THR B 205 -2.27 20.01 -7.03
CA THR B 205 -2.09 20.36 -5.64
C THR B 205 -0.60 20.54 -5.38
N VAL B 206 0.23 19.85 -6.14
CA VAL B 206 1.68 20.00 -5.98
C VAL B 206 2.11 21.33 -6.61
N TRP B 207 1.39 21.72 -7.66
CA TRP B 207 1.67 22.97 -8.37
C TRP B 207 1.27 24.16 -7.56
N GLU B 208 0.10 24.08 -6.94
CA GLU B 208 -0.36 25.17 -6.10
C GLU B 208 0.70 25.43 -5.05
N LEU B 209 1.20 24.36 -4.45
CA LEU B 209 2.20 24.49 -3.42
C LEU B 209 3.49 25.10 -3.96
N MET B 210 4.07 24.50 -5.00
CA MET B 210 5.32 25.01 -5.58
C MET B 210 5.23 26.47 -6.03
N THR B 211 4.02 26.96 -6.25
CA THR B 211 3.87 28.34 -6.68
C THR B 211 3.33 29.19 -5.54
N PHE B 212 3.50 28.69 -4.33
CA PHE B 212 3.06 29.41 -3.16
C PHE B 212 1.62 29.88 -3.18
N GLY B 213 0.76 29.06 -3.78
CA GLY B 213 -0.67 29.39 -3.80
C GLY B 213 -1.22 30.16 -4.97
N SER B 214 -0.60 30.01 -6.13
CA SER B 214 -1.09 30.71 -7.32
C SER B 214 -2.38 30.06 -7.78
N LYS B 215 -3.22 30.82 -8.48
CA LYS B 215 -4.45 30.26 -9.03
C LYS B 215 -3.99 29.57 -10.33
N PRO B 216 -4.37 28.29 -10.53
CA PRO B 216 -4.01 27.46 -11.69
C PRO B 216 -3.94 28.13 -13.05
N TYR B 217 -4.98 27.98 -13.84
CA TYR B 217 -4.98 28.58 -15.17
C TYR B 217 -5.63 29.95 -15.10
N ASP B 218 -5.03 30.81 -14.27
CA ASP B 218 -5.53 32.17 -14.00
C ASP B 218 -5.76 33.02 -15.23
N GLY B 219 -6.99 33.48 -15.40
CA GLY B 219 -7.31 34.31 -16.54
C GLY B 219 -8.13 33.56 -17.57
N ILE B 220 -7.88 32.26 -17.68
CA ILE B 220 -8.59 31.40 -18.63
C ILE B 220 -9.90 30.88 -18.05
N PRO B 221 -11.05 31.21 -18.66
CA PRO B 221 -12.33 30.72 -18.12
C PRO B 221 -12.36 29.20 -17.97
N ALA B 222 -13.10 28.73 -16.99
CA ALA B 222 -13.17 27.30 -16.76
C ALA B 222 -13.57 26.58 -18.03
N SER B 223 -14.60 27.10 -18.69
CA SER B 223 -15.13 26.52 -19.92
C SER B 223 -14.11 26.34 -21.03
N GLU B 224 -13.03 27.09 -20.93
CA GLU B 224 -11.99 27.03 -21.94
C GLU B 224 -10.98 25.92 -21.67
N ILE B 225 -10.94 25.44 -20.43
CA ILE B 225 -9.97 24.43 -20.04
C ILE B 225 -9.87 23.14 -20.84
N SER B 226 -10.94 22.35 -20.87
CA SER B 226 -10.91 21.07 -21.59
C SER B 226 -10.22 21.23 -22.93
N SER B 227 -10.48 22.36 -23.58
CA SER B 227 -9.91 22.64 -24.89
C SER B 227 -8.39 22.83 -24.86
N ILE B 228 -7.92 23.86 -24.15
CA ILE B 228 -6.48 24.09 -24.07
C ILE B 228 -5.78 22.85 -23.53
N LEU B 229 -6.51 22.05 -22.77
CA LEU B 229 -5.95 20.84 -22.21
C LEU B 229 -5.72 19.86 -23.35
N GLU B 230 -6.76 19.62 -24.13
CA GLU B 230 -6.66 18.70 -25.26
C GLU B 230 -5.62 19.17 -26.27
N LYS B 231 -5.35 20.47 -26.29
CA LYS B 231 -4.34 21.01 -27.21
C LYS B 231 -2.95 20.61 -26.75
N GLY B 232 -2.81 20.24 -25.48
CA GLY B 232 -1.50 19.86 -24.96
C GLY B 232 -0.93 20.88 -24.00
N GLU B 233 -1.77 21.83 -23.61
CA GLU B 233 -1.39 22.89 -22.67
C GLU B 233 -1.40 22.34 -21.24
N ARG B 234 -0.48 22.82 -20.42
CA ARG B 234 -0.40 22.40 -19.02
C ARG B 234 0.12 23.53 -18.15
N LEU B 235 -0.20 23.49 -16.86
CA LEU B 235 0.30 24.52 -15.94
C LEU B 235 1.81 24.63 -16.15
N PRO B 236 2.34 25.86 -16.18
CA PRO B 236 3.78 26.13 -16.39
C PRO B 236 4.67 25.59 -15.32
N GLN B 237 5.96 25.68 -15.57
CA GLN B 237 6.97 25.23 -14.62
C GLN B 237 7.09 26.29 -13.52
N PRO B 238 6.92 25.89 -12.25
CA PRO B 238 7.03 26.89 -11.19
C PRO B 238 8.45 27.38 -11.17
N PRO B 239 8.64 28.67 -10.85
CA PRO B 239 9.96 29.32 -10.77
C PRO B 239 10.96 28.55 -9.91
N ILE B 240 10.53 28.16 -8.70
CA ILE B 240 11.39 27.46 -7.77
C ILE B 240 11.68 26.01 -8.15
N CYS B 241 10.87 25.44 -9.04
CA CYS B 241 11.07 24.05 -9.44
C CYS B 241 12.16 23.80 -10.43
N THR B 242 12.95 22.76 -10.19
CA THR B 242 13.98 22.38 -11.13
C THR B 242 13.21 21.53 -12.12
N ILE B 243 13.85 21.12 -13.20
CA ILE B 243 13.15 20.33 -14.19
C ILE B 243 12.62 19.03 -13.63
N ASP B 244 13.44 18.35 -12.82
CA ASP B 244 13.07 17.07 -12.24
C ASP B 244 11.72 17.04 -11.54
N VAL B 245 11.45 18.07 -10.73
CA VAL B 245 10.19 18.13 -10.00
C VAL B 245 9.04 18.35 -10.97
N TYR B 246 9.10 19.47 -11.69
CA TYR B 246 8.07 19.81 -12.66
C TYR B 246 7.71 18.59 -13.49
N MET B 247 8.73 17.85 -13.91
CA MET B 247 8.51 16.68 -14.72
C MET B 247 7.54 15.67 -14.14
N ILE B 248 7.53 15.51 -12.83
CA ILE B 248 6.60 14.55 -12.24
C ILE B 248 5.21 15.15 -12.22
N MET B 249 5.14 16.47 -12.05
CA MET B 249 3.86 17.13 -12.03
C MET B 249 3.19 16.90 -13.38
N VAL B 250 3.94 17.17 -14.44
CA VAL B 250 3.40 17.00 -15.77
C VAL B 250 2.88 15.59 -15.96
N LYS B 251 3.68 14.60 -15.60
CA LYS B 251 3.27 13.22 -15.77
C LYS B 251 1.90 12.90 -15.23
N CYS B 252 1.43 13.67 -14.25
CA CYS B 252 0.11 13.40 -13.68
C CYS B 252 -0.98 13.98 -14.55
N TRP B 253 -0.56 14.77 -15.54
CA TRP B 253 -1.49 15.42 -16.44
C TRP B 253 -1.48 14.86 -17.86
N MET B 254 -1.15 13.58 -18.01
CA MET B 254 -1.14 12.97 -19.33
C MET B 254 -2.59 12.68 -19.67
N ILE B 255 -2.89 12.53 -20.96
CA ILE B 255 -4.26 12.27 -21.37
C ILE B 255 -4.63 10.85 -21.00
N ASP B 256 -3.66 9.95 -21.12
CA ASP B 256 -3.89 8.56 -20.81
C ASP B 256 -3.77 8.27 -19.33
N ALA B 257 -4.91 8.15 -18.66
CA ALA B 257 -4.91 7.88 -17.22
C ALA B 257 -3.85 6.87 -16.80
N ASP B 258 -3.79 5.74 -17.48
CA ASP B 258 -2.81 4.71 -17.14
C ASP B 258 -1.36 5.10 -17.29
N SER B 259 -1.08 6.29 -17.78
CA SER B 259 0.30 6.70 -17.93
C SER B 259 0.71 7.64 -16.82
N ARG B 260 -0.25 8.02 -15.98
CA ARG B 260 0.01 8.92 -14.86
C ARG B 260 0.60 8.08 -13.72
N PRO B 261 1.61 8.63 -13.03
CA PRO B 261 2.27 7.93 -11.92
C PRO B 261 1.27 7.41 -10.90
N LYS B 262 1.64 6.34 -10.22
CA LYS B 262 0.77 5.75 -9.21
C LYS B 262 1.21 6.37 -7.89
N PHE B 263 0.25 6.72 -7.04
CA PHE B 263 0.56 7.31 -5.77
C PHE B 263 1.78 6.68 -5.09
N ARG B 264 1.80 5.36 -4.98
CA ARG B 264 2.93 4.69 -4.35
C ARG B 264 4.23 5.18 -4.97
N GLU B 265 4.22 5.32 -6.29
CA GLU B 265 5.39 5.80 -7.02
C GLU B 265 5.67 7.23 -6.57
N LEU B 266 4.62 8.02 -6.47
CA LEU B 266 4.76 9.40 -6.05
C LEU B 266 5.42 9.46 -4.69
N ILE B 267 4.84 8.75 -3.71
CA ILE B 267 5.37 8.71 -2.34
C ILE B 267 6.88 8.47 -2.35
N ILE B 268 7.32 7.57 -3.21
CA ILE B 268 8.73 7.24 -3.27
C ILE B 268 9.63 8.32 -3.86
N GLU B 269 9.22 8.95 -4.97
CA GLU B 269 10.04 9.98 -5.61
C GLU B 269 10.15 11.22 -4.73
N PHE B 270 9.03 11.65 -4.16
CA PHE B 270 9.09 12.82 -3.30
C PHE B 270 9.86 12.54 -2.02
N SER B 271 9.80 11.30 -1.55
CA SER B 271 10.54 10.95 -0.36
C SER B 271 12.01 11.13 -0.71
N LYS B 272 12.39 10.67 -1.89
CA LYS B 272 13.78 10.78 -2.32
C LYS B 272 14.25 12.23 -2.40
N MET B 273 13.44 13.08 -3.03
CA MET B 273 13.78 14.49 -3.18
C MET B 273 13.82 15.17 -1.81
N ALA B 274 12.89 14.79 -0.94
CA ALA B 274 12.82 15.36 0.40
C ALA B 274 14.14 15.14 1.10
N ARG B 275 14.87 14.13 0.62
CA ARG B 275 16.15 13.79 1.20
C ARG B 275 17.27 14.64 0.68
N ASP B 276 16.95 15.53 -0.25
CA ASP B 276 17.93 16.43 -0.82
C ASP B 276 17.15 17.61 -1.32
N PRO B 277 16.30 18.18 -0.45
CA PRO B 277 15.46 19.32 -0.83
C PRO B 277 16.13 20.38 -1.70
N GLN B 278 17.20 20.99 -1.22
CA GLN B 278 17.88 22.05 -1.97
C GLN B 278 18.50 21.68 -3.30
N ARG B 279 18.30 20.44 -3.74
CA ARG B 279 18.83 20.02 -5.03
C ARG B 279 17.68 19.89 -6.01
N TYR B 280 16.45 20.04 -5.52
CA TYR B 280 15.28 19.92 -6.38
C TYR B 280 14.39 21.15 -6.34
N LEU B 281 14.55 21.97 -5.31
CA LEU B 281 13.75 23.18 -5.23
C LEU B 281 14.66 24.33 -4.84
N VAL B 282 14.76 25.34 -5.70
CA VAL B 282 15.60 26.47 -5.41
C VAL B 282 14.77 27.60 -4.86
N ILE B 283 15.09 28.02 -3.66
CA ILE B 283 14.37 29.10 -3.03
C ILE B 283 15.38 29.99 -2.37
N GLN B 284 15.17 31.31 -2.45
CA GLN B 284 16.09 32.24 -1.81
C GLN B 284 16.07 31.96 -0.28
N GLY B 285 17.14 31.33 0.22
CA GLY B 285 17.24 31.01 1.63
C GLY B 285 17.52 29.52 1.85
N VAL B 312 -10.26 19.17 28.73
CA VAL B 312 -10.11 19.27 27.29
C VAL B 312 -8.73 18.80 26.84
N VAL B 313 -8.69 18.03 25.75
CA VAL B 313 -7.43 17.53 25.22
C VAL B 313 -7.53 17.28 23.73
N ASP B 314 -6.38 17.18 23.08
CA ASP B 314 -6.36 16.91 21.63
C ASP B 314 -6.37 15.40 21.36
N ALA C 4 -12.26 -36.01 10.59
CA ALA C 4 -11.48 -35.29 9.55
C ALA C 4 -10.20 -36.03 9.15
N LEU C 5 -9.60 -35.63 8.02
CA LEU C 5 -8.37 -36.23 7.53
C LEU C 5 -7.45 -35.16 6.93
N LEU C 6 -6.19 -35.53 6.75
CA LEU C 6 -5.22 -34.62 6.19
C LEU C 6 -5.42 -34.47 4.69
N ARG C 7 -4.78 -33.46 4.12
CA ARG C 7 -4.88 -33.20 2.69
C ARG C 7 -3.55 -32.71 2.14
N ILE C 8 -2.77 -33.62 1.55
CA ILE C 8 -1.46 -33.27 0.98
C ILE C 8 -1.66 -32.32 -0.21
N LEU C 9 -0.93 -31.22 -0.21
CA LEU C 9 -1.07 -30.22 -1.27
C LEU C 9 0.06 -30.06 -2.25
N LYS C 10 -0.22 -30.41 -3.51
CA LYS C 10 0.76 -30.31 -4.57
C LYS C 10 1.11 -28.82 -4.64
N GLU C 11 2.41 -28.52 -4.68
CA GLU C 11 2.88 -27.13 -4.71
C GLU C 11 2.31 -26.27 -5.85
N THR C 12 1.31 -26.82 -6.54
CA THR C 12 0.63 -26.14 -7.65
C THR C 12 -0.87 -26.13 -7.36
N GLU C 13 -1.21 -26.35 -6.10
CA GLU C 13 -2.61 -26.36 -5.68
C GLU C 13 -2.97 -25.07 -4.94
N PHE C 14 -1.95 -24.41 -4.40
CA PHE C 14 -2.19 -23.17 -3.66
C PHE C 14 -1.38 -21.99 -4.18
N LYS C 15 -1.82 -20.79 -3.84
CA LYS C 15 -1.18 -19.57 -4.27
C LYS C 15 -0.75 -18.68 -3.12
N LYS C 16 0.56 -18.59 -2.89
CA LYS C 16 1.06 -17.75 -1.81
C LYS C 16 0.94 -16.29 -2.27
N ILE C 17 -0.21 -15.71 -1.97
CA ILE C 17 -0.52 -14.32 -2.35
C ILE C 17 0.21 -13.24 -1.55
N LYS C 18 -0.40 -12.77 -0.47
CA LYS C 18 0.18 -11.72 0.38
C LYS C 18 0.84 -12.28 1.65
N VAL C 19 1.70 -11.46 2.26
CA VAL C 19 2.40 -11.84 3.49
C VAL C 19 1.85 -11.08 4.71
N LEU C 20 1.05 -11.78 5.51
CA LEU C 20 0.43 -11.17 6.70
C LEU C 20 1.45 -10.83 7.78
N GLY C 21 2.30 -11.79 8.08
CA GLY C 21 3.32 -11.59 9.09
C GLY C 21 4.28 -12.76 9.12
N SER C 22 5.47 -12.55 9.65
CA SER C 22 6.47 -13.62 9.75
C SER C 22 7.16 -13.61 11.10
N GLY C 23 6.56 -14.30 12.06
CA GLY C 23 7.11 -14.36 13.40
C GLY C 23 8.44 -15.09 13.45
N ALA C 24 8.74 -15.65 14.61
CA ALA C 24 9.98 -16.37 14.85
C ALA C 24 10.44 -17.22 13.67
N PHE C 25 10.23 -18.52 13.78
CA PHE C 25 10.65 -19.44 12.73
C PHE C 25 9.61 -19.51 11.61
N GLY C 26 8.34 -19.32 11.96
CA GLY C 26 7.30 -19.38 10.94
C GLY C 26 7.15 -18.11 10.12
N THR C 27 6.43 -18.21 9.01
CA THR C 27 6.17 -17.09 8.13
C THR C 27 4.77 -17.28 7.53
N VAL C 28 3.89 -16.32 7.80
CA VAL C 28 2.50 -16.40 7.36
C VAL C 28 2.08 -15.57 6.16
N TYR C 29 1.27 -16.19 5.28
CA TYR C 29 0.76 -15.52 4.10
C TYR C 29 -0.74 -15.69 4.02
N LYS C 30 -1.41 -14.69 3.47
CA LYS C 30 -2.85 -14.73 3.29
C LYS C 30 -3.08 -15.03 1.81
N GLY C 31 -3.06 -16.32 1.44
CA GLY C 31 -3.25 -16.71 0.06
C GLY C 31 -4.56 -17.38 -0.32
N LEU C 32 -4.48 -18.32 -1.26
CA LEU C 32 -5.67 -19.05 -1.72
C LEU C 32 -5.32 -20.50 -2.08
N TRP C 33 -6.32 -21.37 -1.95
CA TRP C 33 -6.16 -22.79 -2.22
C TRP C 33 -6.93 -23.29 -3.43
N ILE C 34 -6.51 -24.45 -3.94
CA ILE C 34 -7.13 -25.09 -5.09
C ILE C 34 -7.09 -26.61 -4.88
N PRO C 35 -8.15 -27.17 -4.27
CA PRO C 35 -8.25 -28.62 -3.99
C PRO C 35 -8.44 -29.46 -5.26
N ILE C 42 -10.65 -22.04 -1.21
CA ILE C 42 -10.92 -20.70 -0.71
C ILE C 42 -9.76 -20.25 0.17
N PRO C 43 -9.88 -19.05 0.80
CA PRO C 43 -8.84 -18.48 1.64
C PRO C 43 -8.27 -19.31 2.71
N VAL C 44 -6.95 -19.26 2.89
CA VAL C 44 -6.29 -20.06 3.94
C VAL C 44 -4.91 -19.47 4.24
N ALA C 45 -4.49 -19.55 5.50
CA ALA C 45 -3.18 -19.03 5.91
C ALA C 45 -2.13 -20.08 5.64
N ILE C 46 -1.07 -19.71 4.93
CA ILE C 46 -0.01 -20.65 4.62
C ILE C 46 1.18 -20.32 5.49
N LYS C 47 1.75 -21.35 6.12
CA LYS C 47 2.90 -21.17 6.98
C LYS C 47 4.15 -21.91 6.49
N GLU C 48 5.21 -21.15 6.23
CA GLU C 48 6.49 -21.69 5.77
C GLU C 48 7.39 -21.67 6.99
N LEU C 49 7.64 -22.86 7.54
CA LEU C 49 8.46 -22.99 8.74
C LEU C 49 9.96 -22.85 8.48
N ARG C 50 10.64 -22.13 9.37
CA ARG C 50 12.09 -21.91 9.27
C ARG C 50 12.83 -23.22 9.55
N SER C 54 17.36 -30.74 13.91
CA SER C 54 17.02 -30.13 12.64
C SER C 54 16.65 -31.18 11.59
N PRO C 55 17.13 -32.40 11.75
CA PRO C 55 16.80 -33.48 10.82
C PRO C 55 15.28 -33.63 10.82
N LYS C 56 14.65 -33.47 9.66
CA LYS C 56 13.20 -33.56 9.56
C LYS C 56 12.75 -34.84 8.86
N ALA C 57 12.39 -35.86 9.62
CA ALA C 57 11.94 -37.11 9.01
C ALA C 57 10.50 -37.00 8.51
N ASN C 58 10.32 -37.27 7.22
CA ASN C 58 9.02 -37.19 6.54
C ASN C 58 7.87 -38.04 7.06
N LYS C 59 8.13 -39.30 7.39
CA LYS C 59 7.04 -40.16 7.88
C LYS C 59 6.52 -39.68 9.23
N GLU C 60 7.42 -39.10 10.03
CA GLU C 60 7.06 -38.62 11.36
C GLU C 60 6.36 -37.27 11.28
N ILE C 61 6.69 -36.47 10.26
CA ILE C 61 6.06 -35.17 10.12
C ILE C 61 4.64 -35.38 9.60
N LEU C 62 4.52 -36.39 8.77
CA LEU C 62 3.25 -36.74 8.17
C LEU C 62 2.24 -37.15 9.24
N ASP C 63 2.72 -37.85 10.26
CA ASP C 63 1.85 -38.32 11.34
C ASP C 63 1.30 -37.22 12.25
N GLU C 64 2.20 -36.36 12.74
CA GLU C 64 1.78 -35.27 13.61
C GLU C 64 0.72 -34.44 12.92
N ALA C 65 0.92 -34.25 11.62
CA ALA C 65 -0.02 -33.48 10.82
C ALA C 65 -1.42 -34.11 10.89
N TYR C 66 -1.49 -35.43 11.04
CA TYR C 66 -2.79 -36.11 11.10
C TYR C 66 -3.56 -35.72 12.35
N VAL C 67 -2.84 -35.66 13.45
CA VAL C 67 -3.45 -35.30 14.71
C VAL C 67 -3.99 -33.88 14.58
N MET C 68 -3.11 -32.99 14.11
CA MET C 68 -3.46 -31.59 13.91
C MET C 68 -4.66 -31.48 12.99
N ALA C 69 -4.82 -32.43 12.10
CA ALA C 69 -5.94 -32.42 11.17
C ALA C 69 -7.15 -33.05 11.83
N SER C 70 -6.90 -33.83 12.89
CA SER C 70 -7.97 -34.52 13.58
C SER C 70 -8.69 -33.67 14.62
N VAL C 71 -8.07 -32.59 15.08
CA VAL C 71 -8.74 -31.77 16.07
C VAL C 71 -10.03 -31.18 15.52
N ASP C 72 -11.16 -31.74 15.92
CA ASP C 72 -12.44 -31.23 15.48
C ASP C 72 -13.16 -30.57 16.65
N ASN C 73 -13.23 -29.24 16.62
CA ASN C 73 -13.90 -28.50 17.68
C ASN C 73 -13.97 -27.07 17.21
N PRO C 74 -15.11 -26.42 17.43
CA PRO C 74 -15.36 -25.03 17.04
C PRO C 74 -14.47 -23.96 17.64
N HIS C 75 -13.56 -24.33 18.54
CA HIS C 75 -12.68 -23.33 19.13
C HIS C 75 -11.24 -23.79 19.06
N VAL C 76 -10.99 -24.73 18.15
CA VAL C 76 -9.66 -25.24 17.94
C VAL C 76 -9.40 -25.41 16.44
N CYS C 77 -8.54 -24.53 15.92
CA CYS C 77 -8.16 -24.55 14.52
C CYS C 77 -7.67 -25.92 14.12
N ARG C 78 -8.07 -26.32 12.93
CA ARG C 78 -7.70 -27.61 12.41
C ARG C 78 -6.78 -27.49 11.20
N LEU C 79 -5.90 -28.48 11.05
CA LEU C 79 -4.99 -28.52 9.93
C LEU C 79 -5.81 -29.02 8.76
N LEU C 80 -6.04 -28.16 7.78
CA LEU C 80 -6.81 -28.55 6.61
C LEU C 80 -5.98 -29.42 5.71
N GLY C 81 -4.79 -28.94 5.37
CA GLY C 81 -3.91 -29.71 4.51
C GLY C 81 -2.46 -29.33 4.70
N ILE C 82 -1.56 -30.27 4.39
CA ILE C 82 -0.13 -30.03 4.54
C ILE C 82 0.57 -30.42 3.24
N CYS C 83 1.71 -29.79 2.99
CA CYS C 83 2.51 -30.08 1.80
C CYS C 83 3.98 -30.15 2.18
N LEU C 84 4.53 -31.34 2.02
CA LEU C 84 5.93 -31.58 2.32
C LEU C 84 6.72 -31.74 1.02
N THR C 85 7.08 -30.61 0.40
CA THR C 85 7.86 -30.62 -0.82
C THR C 85 9.29 -30.37 -0.42
N SER C 86 9.66 -29.10 -0.39
CA SER C 86 10.99 -28.69 0.05
C SER C 86 10.71 -27.80 1.24
N THR C 87 9.48 -27.31 1.25
CA THR C 87 8.95 -26.43 2.29
C THR C 87 7.70 -27.05 2.91
N VAL C 88 7.61 -27.04 4.24
CA VAL C 88 6.41 -27.58 4.88
C VAL C 88 5.42 -26.42 4.92
N GLN C 89 4.31 -26.56 4.22
CA GLN C 89 3.33 -25.50 4.18
C GLN C 89 2.01 -25.99 4.73
N LEU C 90 1.69 -25.55 5.95
CA LEU C 90 0.44 -25.94 6.59
C LEU C 90 -0.68 -25.04 6.09
N ILE C 91 -1.74 -25.66 5.60
CA ILE C 91 -2.88 -24.92 5.07
C ILE C 91 -4.09 -25.02 6.00
N THR C 92 -4.49 -23.88 6.55
CA THR C 92 -5.62 -23.82 7.48
C THR C 92 -6.58 -22.69 7.15
N GLN C 93 -7.85 -22.86 7.48
CA GLN C 93 -8.84 -21.84 7.21
C GLN C 93 -8.35 -20.50 7.73
N LEU C 94 -8.28 -19.52 6.83
CA LEU C 94 -7.82 -18.19 7.21
C LEU C 94 -8.76 -17.56 8.21
N MET C 95 -8.19 -16.83 9.18
CA MET C 95 -8.99 -16.14 10.18
C MET C 95 -8.87 -14.66 9.91
N PRO C 96 -9.98 -14.07 9.46
CA PRO C 96 -10.11 -12.64 9.12
C PRO C 96 -9.48 -11.64 10.08
N PHE C 97 -9.93 -11.63 11.33
CA PHE C 97 -9.47 -10.66 12.31
C PHE C 97 -8.14 -10.86 13.01
N GLY C 98 -7.44 -11.95 12.71
CA GLY C 98 -6.14 -12.18 13.34
C GLY C 98 -6.18 -12.59 14.81
N CYS C 99 -5.02 -12.57 15.46
CA CYS C 99 -4.88 -12.97 16.87
C CYS C 99 -5.54 -12.03 17.90
N LEU C 100 -6.34 -12.62 18.78
CA LEU C 100 -7.07 -11.88 19.80
C LEU C 100 -6.17 -10.91 20.56
N LEU C 101 -4.87 -11.17 20.56
CA LEU C 101 -3.97 -10.27 21.28
C LEU C 101 -4.00 -8.88 20.64
N ASP C 102 -3.57 -8.80 19.38
CA ASP C 102 -3.56 -7.53 18.67
C ASP C 102 -4.95 -6.95 18.82
N TYR C 103 -5.95 -7.80 18.66
CA TYR C 103 -7.32 -7.38 18.74
C TYR C 103 -7.73 -6.61 19.99
N VAL C 104 -7.55 -7.20 21.18
CA VAL C 104 -7.95 -6.51 22.40
C VAL C 104 -7.16 -5.22 22.63
N ARG C 105 -5.88 -5.23 22.22
CA ARG C 105 -5.06 -4.04 22.33
C ARG C 105 -5.70 -2.94 21.48
N GLU C 106 -6.11 -3.34 20.27
CA GLU C 106 -6.71 -2.46 19.26
C GLU C 106 -8.17 -2.05 19.48
N HIS C 107 -8.80 -2.57 20.52
CA HIS C 107 -10.14 -2.15 20.87
C HIS C 107 -10.22 -2.02 22.36
N LYS C 108 -9.08 -1.62 22.92
CA LYS C 108 -8.91 -1.46 24.37
C LYS C 108 -10.17 -1.18 25.16
N ASP C 109 -10.83 -0.05 24.90
CA ASP C 109 -12.01 0.18 25.70
C ASP C 109 -13.33 -0.25 25.03
N ASN C 110 -13.41 -0.16 23.70
CA ASN C 110 -14.66 -0.51 23.01
C ASN C 110 -15.12 -1.99 23.24
N ILE C 111 -14.34 -2.72 24.03
CA ILE C 111 -14.66 -4.12 24.38
C ILE C 111 -15.31 -4.17 25.76
N GLY C 112 -16.45 -4.86 25.81
CA GLY C 112 -17.21 -5.00 27.05
C GLY C 112 -16.97 -6.23 27.96
N SER C 113 -17.64 -6.25 29.11
CA SER C 113 -17.49 -7.32 30.08
C SER C 113 -18.03 -8.66 29.58
N GLN C 114 -18.89 -8.66 28.57
CA GLN C 114 -19.40 -9.94 28.07
C GLN C 114 -18.52 -10.61 26.99
N TYR C 115 -17.84 -9.83 26.17
CA TYR C 115 -16.99 -10.42 25.14
C TYR C 115 -15.77 -11.05 25.79
N LEU C 116 -15.26 -10.40 26.83
CA LEU C 116 -14.08 -10.90 27.53
C LEU C 116 -14.43 -12.20 28.20
N LEU C 117 -15.59 -12.25 28.84
CA LEU C 117 -15.98 -13.47 29.53
C LEU C 117 -16.27 -14.62 28.57
N ASN C 118 -16.85 -14.32 27.41
CA ASN C 118 -17.13 -15.36 26.42
C ASN C 118 -15.84 -15.95 25.84
N TRP C 119 -14.91 -15.10 25.43
CA TRP C 119 -13.66 -15.60 24.86
C TRP C 119 -13.00 -16.52 25.87
N CYS C 120 -13.29 -16.27 27.14
CA CYS C 120 -12.71 -17.09 28.19
C CYS C 120 -13.40 -18.43 28.19
N VAL C 121 -14.71 -18.41 28.20
CA VAL C 121 -15.45 -19.65 28.19
C VAL C 121 -14.95 -20.48 27.02
N GLN C 122 -14.93 -19.84 25.85
CA GLN C 122 -14.49 -20.45 24.62
C GLN C 122 -13.10 -21.04 24.67
N ILE C 123 -12.10 -20.24 24.99
CA ILE C 123 -10.75 -20.79 25.03
C ILE C 123 -10.75 -21.99 25.99
N ALA C 124 -11.53 -21.85 27.06
CA ALA C 124 -11.65 -22.90 28.07
C ALA C 124 -12.14 -24.14 27.36
N GLU C 125 -13.29 -24.01 26.72
CA GLU C 125 -13.88 -25.09 25.95
C GLU C 125 -12.89 -25.75 25.01
N GLY C 126 -12.14 -24.93 24.29
CA GLY C 126 -11.17 -25.46 23.37
C GLY C 126 -10.14 -26.33 24.03
N MET C 127 -9.50 -25.79 25.07
CA MET C 127 -8.48 -26.56 25.77
C MET C 127 -9.10 -27.83 26.28
N ASN C 128 -10.30 -27.72 26.87
CA ASN C 128 -11.00 -28.88 27.41
C ASN C 128 -11.02 -29.99 26.39
N TYR C 129 -11.45 -29.69 25.17
CA TYR C 129 -11.48 -30.67 24.10
C TYR C 129 -10.08 -31.30 23.96
N LEU C 130 -9.04 -30.46 23.96
CA LEU C 130 -7.67 -30.93 23.81
C LEU C 130 -7.25 -31.83 24.94
N GLU C 131 -7.90 -31.68 26.09
CA GLU C 131 -7.59 -32.51 27.25
C GLU C 131 -8.28 -33.85 27.07
N ASP C 132 -9.57 -33.80 26.77
CA ASP C 132 -10.33 -35.03 26.57
C ASP C 132 -9.60 -35.91 25.56
N ARG C 133 -8.80 -35.30 24.70
CA ARG C 133 -8.07 -36.03 23.68
C ARG C 133 -6.65 -36.38 24.08
N ARG C 134 -6.36 -36.30 25.36
CA ARG C 134 -5.02 -36.62 25.82
C ARG C 134 -4.01 -35.79 25.03
N LEU C 135 -4.38 -34.55 24.70
CA LEU C 135 -3.49 -33.66 23.96
C LEU C 135 -3.12 -32.41 24.76
N VAL C 136 -1.82 -32.09 24.77
CA VAL C 136 -1.32 -30.92 25.50
C VAL C 136 -0.84 -29.88 24.49
N HIS C 137 -1.28 -28.64 24.67
CA HIS C 137 -0.94 -27.56 23.75
C HIS C 137 0.48 -27.03 23.85
N ARG C 138 0.92 -26.65 25.04
CA ARG C 138 2.29 -26.16 25.26
C ARG C 138 2.61 -24.73 24.90
N ASP C 139 1.67 -24.01 24.32
CA ASP C 139 1.97 -22.63 23.98
C ASP C 139 0.75 -21.74 23.98
N LEU C 140 -0.29 -22.15 24.70
CA LEU C 140 -1.49 -21.35 24.78
C LEU C 140 -1.12 -19.95 25.27
N ALA C 141 -1.71 -18.94 24.63
CA ALA C 141 -1.45 -17.54 24.92
C ALA C 141 -2.39 -16.74 24.04
N ALA C 142 -2.72 -15.51 24.44
CA ALA C 142 -3.61 -14.68 23.64
C ALA C 142 -3.14 -14.60 22.19
N ARG C 143 -1.82 -14.59 22.01
CA ARG C 143 -1.23 -14.51 20.67
C ARG C 143 -1.40 -15.79 19.86
N ASN C 144 -2.20 -16.73 20.37
CA ASN C 144 -2.45 -17.99 19.67
C ASN C 144 -3.92 -18.32 19.74
N VAL C 145 -4.72 -17.28 19.78
CA VAL C 145 -6.17 -17.39 19.79
C VAL C 145 -6.57 -16.40 18.68
N LEU C 146 -7.10 -16.92 17.59
CA LEU C 146 -7.46 -16.10 16.47
C LEU C 146 -8.95 -15.83 16.51
N VAL C 147 -9.34 -14.68 15.95
CA VAL C 147 -10.74 -14.27 15.93
C VAL C 147 -11.42 -14.65 14.60
N LYS C 148 -12.54 -15.36 14.71
CA LYS C 148 -13.29 -15.77 13.52
C LYS C 148 -14.29 -14.67 13.31
N THR C 149 -14.73 -14.10 14.43
CA THR C 149 -15.67 -13.01 14.48
C THR C 149 -15.48 -12.51 15.90
N PRO C 150 -15.95 -11.29 16.20
CA PRO C 150 -15.78 -10.77 17.55
C PRO C 150 -16.52 -11.55 18.64
N GLN C 151 -17.22 -12.62 18.25
CA GLN C 151 -17.96 -13.41 19.23
C GLN C 151 -17.66 -14.90 19.05
N HIS C 152 -16.48 -15.18 18.53
CA HIS C 152 -16.07 -16.54 18.30
C HIS C 152 -14.59 -16.49 18.00
N VAL C 153 -13.82 -17.21 18.81
CA VAL C 153 -12.38 -17.24 18.69
C VAL C 153 -11.97 -18.69 18.78
N LYS C 154 -10.72 -18.98 18.45
CA LYS C 154 -10.27 -20.35 18.54
C LYS C 154 -8.75 -20.49 18.66
N ILE C 155 -8.35 -21.39 19.54
CA ILE C 155 -6.95 -21.65 19.81
C ILE C 155 -6.27 -22.16 18.55
N THR C 156 -5.05 -21.70 18.31
CA THR C 156 -4.37 -22.15 17.12
C THR C 156 -2.97 -22.65 17.39
N ASP C 157 -2.27 -22.99 16.32
CA ASP C 157 -0.90 -23.46 16.38
C ASP C 157 -0.69 -24.77 17.13
N PHE C 158 -1.78 -25.45 17.47
CA PHE C 158 -1.62 -26.72 18.16
C PHE C 158 -0.77 -27.64 17.29
N GLY C 159 0.34 -28.13 17.81
CA GLY C 159 1.17 -29.02 17.04
C GLY C 159 2.44 -28.40 16.51
N LEU C 160 2.40 -27.11 16.25
CA LEU C 160 3.57 -26.41 15.72
C LEU C 160 4.83 -26.59 16.55
N ALA C 161 4.83 -26.03 17.76
CA ALA C 161 5.98 -26.15 18.64
C ALA C 161 6.38 -27.61 18.73
N LYS C 162 5.43 -28.45 19.16
CA LYS C 162 5.66 -29.88 19.31
C LYS C 162 6.12 -30.54 18.00
N LEU C 163 6.12 -29.75 16.94
CA LEU C 163 6.54 -30.22 15.62
C LEU C 163 8.02 -29.95 15.38
N LEU C 164 8.54 -28.90 15.98
CA LEU C 164 9.96 -28.54 15.83
C LEU C 164 10.73 -29.04 17.06
N GLY C 165 11.27 -28.10 17.84
CA GLY C 165 12.02 -28.46 19.03
C GLY C 165 11.25 -29.37 19.97
N LYS C 177 14.05 -20.57 21.31
CA LYS C 177 13.39 -19.62 22.22
C LYS C 177 12.17 -20.21 22.93
N VAL C 178 11.94 -19.82 24.18
CA VAL C 178 10.79 -20.34 24.95
C VAL C 178 9.98 -19.28 25.70
N PRO C 179 8.65 -19.38 25.64
CA PRO C 179 7.68 -18.48 26.28
C PRO C 179 7.63 -18.61 27.81
N ILE C 180 8.76 -18.38 28.46
CA ILE C 180 8.83 -18.47 29.90
C ILE C 180 7.71 -17.78 30.68
N LYS C 181 7.29 -16.60 30.26
CA LYS C 181 6.27 -15.91 31.02
C LYS C 181 4.85 -16.45 30.86
N TRP C 182 4.72 -17.59 30.21
CA TRP C 182 3.40 -18.24 30.02
C TRP C 182 3.49 -19.69 30.54
N MET C 183 4.74 -20.14 30.69
CA MET C 183 5.01 -21.48 31.17
C MET C 183 4.82 -21.59 32.68
N ALA C 184 4.38 -22.76 33.11
CA ALA C 184 4.19 -23.03 34.52
C ALA C 184 5.58 -23.38 35.04
N LEU C 185 5.75 -23.20 36.34
CA LEU C 185 7.02 -23.46 37.00
C LEU C 185 7.65 -24.80 36.65
N GLU C 186 6.86 -25.86 36.57
CA GLU C 186 7.44 -27.17 36.26
C GLU C 186 8.06 -27.21 34.88
N SER C 187 7.35 -26.63 33.93
CA SER C 187 7.78 -26.55 32.54
C SER C 187 9.08 -25.73 32.50
N ILE C 188 9.11 -24.58 33.17
CA ILE C 188 10.31 -23.76 33.20
C ILE C 188 11.55 -24.47 33.75
N LEU C 189 11.38 -25.19 34.86
CA LEU C 189 12.51 -25.87 35.48
C LEU C 189 12.87 -27.22 34.89
N HIS C 190 11.87 -27.98 34.45
CA HIS C 190 12.11 -29.32 33.93
C HIS C 190 11.53 -29.63 32.57
N ARG C 191 10.97 -28.63 31.91
CA ARG C 191 10.38 -28.88 30.60
C ARG C 191 9.36 -29.99 30.70
N ILE C 192 8.44 -29.83 31.64
CA ILE C 192 7.38 -30.79 31.85
C ILE C 192 6.13 -30.09 31.35
N TYR C 193 5.32 -30.79 30.54
CA TYR C 193 4.08 -30.21 30.03
C TYR C 193 2.93 -31.17 30.23
N THR C 194 1.89 -30.69 30.89
CA THR C 194 0.72 -31.50 31.18
C THR C 194 -0.51 -30.61 31.07
N HIS C 195 -1.69 -31.20 31.00
CA HIS C 195 -2.87 -30.36 30.90
C HIS C 195 -2.91 -29.38 32.05
N GLN C 196 -2.21 -29.71 33.13
CA GLN C 196 -2.19 -28.83 34.28
C GLN C 196 -1.31 -27.64 33.98
N SER C 197 -0.15 -27.88 33.37
CA SER C 197 0.75 -26.77 33.00
C SER C 197 0.01 -25.88 31.99
N ASP C 198 -0.82 -26.50 31.15
CA ASP C 198 -1.60 -25.75 30.18
C ASP C 198 -2.60 -24.88 30.93
N VAL C 199 -3.18 -25.41 31.99
CA VAL C 199 -4.14 -24.65 32.76
C VAL C 199 -3.50 -23.35 33.23
N TRP C 200 -2.21 -23.43 33.50
CA TRP C 200 -1.42 -22.31 33.97
C TRP C 200 -1.39 -21.20 32.93
N SER C 201 -0.98 -21.56 31.72
CA SER C 201 -0.89 -20.63 30.61
C SER C 201 -2.26 -20.00 30.36
N TYR C 202 -3.31 -20.82 30.43
CA TYR C 202 -4.67 -20.31 30.24
C TYR C 202 -4.82 -19.21 31.26
N GLY C 203 -4.25 -19.46 32.43
CA GLY C 203 -4.29 -18.48 33.50
C GLY C 203 -3.79 -17.14 33.00
N VAL C 204 -2.55 -17.16 32.50
CA VAL C 204 -1.90 -15.99 31.93
C VAL C 204 -2.75 -15.39 30.81
N THR C 205 -3.19 -16.25 29.89
CA THR C 205 -3.99 -15.81 28.78
C THR C 205 -5.18 -15.01 29.28
N VAL C 206 -5.83 -15.46 30.34
CA VAL C 206 -6.98 -14.72 30.84
C VAL C 206 -6.50 -13.38 31.40
N TRP C 207 -5.22 -13.33 31.76
CA TRP C 207 -4.65 -12.10 32.31
C TRP C 207 -4.50 -11.11 31.17
N GLU C 208 -3.87 -11.57 30.08
CA GLU C 208 -3.70 -10.71 28.92
C GLU C 208 -5.07 -10.08 28.60
N LEU C 209 -6.02 -10.89 28.17
CA LEU C 209 -7.34 -10.37 27.83
C LEU C 209 -7.87 -9.37 28.85
N MET C 210 -7.87 -9.75 30.13
CA MET C 210 -8.39 -8.85 31.18
C MET C 210 -7.64 -7.52 31.29
N THR C 211 -6.38 -7.51 30.90
CA THR C 211 -5.61 -6.27 30.93
C THR C 211 -5.48 -5.78 29.50
N PHE C 212 -6.56 -5.96 28.74
CA PHE C 212 -6.59 -5.55 27.36
C PHE C 212 -5.28 -5.63 26.58
N GLY C 213 -4.47 -6.65 26.86
CA GLY C 213 -3.23 -6.81 26.13
C GLY C 213 -1.93 -6.39 26.80
N SER C 214 -1.90 -6.27 28.11
CA SER C 214 -0.67 -5.88 28.78
C SER C 214 0.39 -6.96 28.58
N LYS C 215 1.65 -6.61 28.82
CA LYS C 215 2.72 -7.58 28.68
C LYS C 215 3.05 -8.15 30.06
N PRO C 216 2.87 -9.46 30.27
CA PRO C 216 3.15 -10.09 31.56
C PRO C 216 4.56 -9.92 32.09
N TYR C 217 4.65 -9.67 33.40
CA TYR C 217 5.92 -9.48 34.08
C TYR C 217 6.78 -8.53 33.29
N ASP C 218 6.16 -7.46 32.82
CA ASP C 218 6.87 -6.48 32.02
C ASP C 218 8.01 -5.88 32.80
N GLY C 219 9.19 -5.93 32.22
CA GLY C 219 10.36 -5.37 32.85
C GLY C 219 11.21 -6.42 33.52
N ILE C 220 10.57 -7.48 33.99
CA ILE C 220 11.31 -8.54 34.66
C ILE C 220 11.94 -9.47 33.64
N PRO C 221 13.25 -9.61 33.68
CA PRO C 221 13.93 -10.49 32.73
C PRO C 221 13.34 -11.88 32.84
N ALA C 222 13.32 -12.62 31.74
CA ALA C 222 12.78 -13.97 31.76
C ALA C 222 13.57 -14.78 32.76
N SER C 223 14.88 -14.81 32.56
CA SER C 223 15.77 -15.58 33.41
C SER C 223 15.55 -15.41 34.90
N GLU C 224 14.76 -14.43 35.31
CA GLU C 224 14.54 -14.22 36.73
C GLU C 224 13.14 -14.64 37.16
N ILE C 225 12.30 -14.98 36.20
CA ILE C 225 10.92 -15.37 36.47
C ILE C 225 10.74 -16.56 37.43
N SER C 226 11.43 -17.66 37.14
CA SER C 226 11.31 -18.83 37.99
C SER C 226 11.42 -18.40 39.44
N SER C 227 12.47 -17.62 39.68
CA SER C 227 12.77 -17.12 40.99
C SER C 227 11.62 -16.38 41.66
N ILE C 228 11.15 -15.32 41.02
CA ILE C 228 10.07 -14.53 41.58
C ILE C 228 8.82 -15.39 41.77
N LEU C 229 8.71 -16.41 40.95
CA LEU C 229 7.55 -17.31 40.98
C LEU C 229 7.58 -18.17 42.24
N GLU C 230 8.75 -18.72 42.55
CA GLU C 230 8.90 -19.54 43.73
C GLU C 230 8.68 -18.67 44.98
N LYS C 231 9.19 -17.44 44.95
CA LYS C 231 9.06 -16.50 46.07
C LYS C 231 7.59 -16.10 46.31
N GLY C 232 6.68 -16.66 45.54
CA GLY C 232 5.28 -16.32 45.72
C GLY C 232 4.78 -15.14 44.91
N GLU C 233 5.50 -14.74 43.87
CA GLU C 233 5.11 -13.63 43.00
C GLU C 233 4.16 -14.09 41.90
N ARG C 234 3.23 -13.22 41.51
CA ARG C 234 2.29 -13.57 40.46
C ARG C 234 1.82 -12.28 39.79
N LEU C 235 1.24 -12.38 38.61
CA LEU C 235 0.76 -11.17 37.93
C LEU C 235 -0.28 -10.50 38.82
N PRO C 236 -0.33 -9.17 38.76
CA PRO C 236 -1.25 -8.34 39.54
C PRO C 236 -2.71 -8.40 39.12
N GLN C 237 -3.58 -8.03 40.04
CA GLN C 237 -5.00 -8.03 39.75
C GLN C 237 -5.29 -6.99 38.67
N PRO C 238 -5.88 -7.40 37.55
CA PRO C 238 -6.17 -6.42 36.52
C PRO C 238 -7.20 -5.45 37.10
N PRO C 239 -7.14 -4.17 36.70
CA PRO C 239 -8.06 -3.14 37.18
C PRO C 239 -9.53 -3.49 37.06
N ILE C 240 -9.93 -3.95 35.89
CA ILE C 240 -11.33 -4.29 35.63
C ILE C 240 -11.80 -5.58 36.28
N CYS C 241 -10.93 -6.25 37.02
CA CYS C 241 -11.29 -7.52 37.66
C CYS C 241 -11.76 -7.41 39.10
N THR C 242 -12.93 -7.97 39.38
CA THR C 242 -13.40 -7.99 40.74
C THR C 242 -12.49 -9.03 41.36
N ILE C 243 -12.59 -9.22 42.67
CA ILE C 243 -11.73 -10.20 43.30
C ILE C 243 -12.13 -11.64 42.89
N ASP C 244 -13.39 -11.80 42.48
CA ASP C 244 -13.89 -13.11 42.06
C ASP C 244 -13.04 -13.65 40.89
N VAL C 245 -12.82 -12.83 39.86
CA VAL C 245 -12.07 -13.28 38.69
C VAL C 245 -10.58 -13.44 38.97
N TYR C 246 -10.01 -12.45 39.64
CA TYR C 246 -8.59 -12.53 39.93
C TYR C 246 -8.21 -13.78 40.67
N MET C 247 -9.14 -14.33 41.45
CA MET C 247 -8.84 -15.51 42.24
C MET C 247 -8.69 -16.75 41.40
N ILE C 248 -9.54 -16.87 40.39
CA ILE C 248 -9.47 -18.03 39.55
C ILE C 248 -8.14 -18.06 38.82
N MET C 249 -7.72 -16.91 38.33
CA MET C 249 -6.45 -16.78 37.60
C MET C 249 -5.31 -17.22 38.50
N VAL C 250 -5.31 -16.72 39.73
CA VAL C 250 -4.25 -17.05 40.66
C VAL C 250 -4.22 -18.55 40.84
N LYS C 251 -5.40 -19.13 41.08
CA LYS C 251 -5.47 -20.56 41.27
C LYS C 251 -4.65 -21.27 40.21
N CYS C 252 -4.72 -20.81 38.97
CA CYS C 252 -4.00 -21.46 37.88
C CYS C 252 -2.50 -21.41 38.04
N TRP C 253 -2.01 -20.51 38.89
CA TRP C 253 -0.56 -20.39 39.05
C TRP C 253 0.01 -20.90 40.35
N MET C 254 -0.66 -21.90 40.93
CA MET C 254 -0.17 -22.49 42.17
C MET C 254 0.97 -23.39 41.79
N ILE C 255 1.96 -23.50 42.66
CA ILE C 255 3.10 -24.33 42.36
C ILE C 255 2.67 -25.76 42.19
N ASP C 256 1.69 -26.19 42.98
CA ASP C 256 1.17 -27.56 42.91
C ASP C 256 0.30 -27.73 41.68
N ALA C 257 0.79 -28.49 40.71
CA ALA C 257 0.03 -28.72 39.51
C ALA C 257 -1.40 -29.11 39.92
N ASP C 258 -1.51 -30.15 40.75
CA ASP C 258 -2.80 -30.66 41.20
C ASP C 258 -3.69 -29.69 41.95
N SER C 259 -3.19 -28.49 42.22
CA SER C 259 -3.99 -27.51 42.95
C SER C 259 -4.67 -26.56 41.99
N ARG C 260 -4.12 -26.45 40.78
CA ARG C 260 -4.66 -25.58 39.73
C ARG C 260 -5.97 -26.19 39.30
N PRO C 261 -6.92 -25.37 38.92
CA PRO C 261 -8.22 -25.87 38.49
C PRO C 261 -8.12 -26.85 37.32
N LYS C 262 -9.26 -27.38 36.91
CA LYS C 262 -9.31 -28.29 35.77
C LYS C 262 -10.06 -27.56 34.67
N PHE C 263 -9.69 -27.84 33.43
CA PHE C 263 -10.36 -27.16 32.34
C PHE C 263 -11.86 -27.30 32.39
N ARG C 264 -12.37 -28.43 32.88
CA ARG C 264 -13.83 -28.61 32.95
C ARG C 264 -14.40 -27.75 34.07
N GLU C 265 -13.56 -27.40 35.04
CA GLU C 265 -13.99 -26.54 36.14
C GLU C 265 -14.04 -25.11 35.63
N LEU C 266 -12.95 -24.68 34.99
CA LEU C 266 -12.88 -23.33 34.46
C LEU C 266 -14.10 -23.03 33.56
N ILE C 267 -14.31 -23.86 32.55
CA ILE C 267 -15.43 -23.66 31.64
C ILE C 267 -16.71 -23.32 32.38
N ILE C 268 -17.04 -24.10 33.40
CA ILE C 268 -18.27 -23.88 34.17
C ILE C 268 -18.27 -22.55 34.91
N GLU C 269 -17.15 -22.22 35.54
CA GLU C 269 -17.11 -20.98 36.32
C GLU C 269 -17.27 -19.76 35.42
N PHE C 270 -16.50 -19.67 34.35
CA PHE C 270 -16.66 -18.52 33.47
C PHE C 270 -18.03 -18.51 32.80
N SER C 271 -18.54 -19.68 32.45
CA SER C 271 -19.87 -19.75 31.85
C SER C 271 -20.83 -19.03 32.77
N LYS C 272 -20.69 -19.29 34.07
CA LYS C 272 -21.55 -18.66 35.05
C LYS C 272 -21.40 -17.15 35.11
N MET C 273 -20.17 -16.68 35.27
CA MET C 273 -19.90 -15.25 35.35
C MET C 273 -20.40 -14.56 34.11
N ALA C 274 -20.30 -15.25 32.97
CA ALA C 274 -20.73 -14.73 31.70
C ALA C 274 -22.22 -14.40 31.76
N ARG C 275 -22.95 -15.09 32.63
CA ARG C 275 -24.38 -14.84 32.74
C ARG C 275 -24.76 -13.52 33.43
N ASP C 276 -23.78 -12.83 34.00
CA ASP C 276 -24.02 -11.54 34.67
C ASP C 276 -22.70 -10.78 34.71
N PRO C 277 -22.01 -10.71 33.57
CA PRO C 277 -20.72 -10.06 33.32
C PRO C 277 -20.37 -8.80 34.11
N GLN C 278 -21.27 -7.83 34.13
CA GLN C 278 -20.99 -6.59 34.85
C GLN C 278 -20.84 -6.74 36.36
N ARG C 279 -21.11 -7.93 36.88
CA ARG C 279 -20.97 -8.16 38.30
C ARG C 279 -19.57 -8.67 38.60
N TYR C 280 -18.91 -9.24 37.59
CA TYR C 280 -17.57 -9.80 37.75
C TYR C 280 -16.47 -8.97 37.10
N LEU C 281 -16.83 -8.20 36.09
CA LEU C 281 -15.85 -7.36 35.41
C LEU C 281 -16.39 -5.95 35.37
N VAL C 282 -15.63 -5.00 35.91
CA VAL C 282 -16.06 -3.60 35.91
C VAL C 282 -15.29 -2.83 34.84
N ILE C 283 -16.03 -2.27 33.88
CA ILE C 283 -15.43 -1.52 32.80
C ILE C 283 -16.31 -0.31 32.50
N GLN C 284 -15.69 0.76 32.00
CA GLN C 284 -16.43 1.97 31.66
C GLN C 284 -17.40 1.75 30.49
N GLY C 285 -18.68 1.60 30.81
CA GLY C 285 -19.68 1.36 29.79
C GLY C 285 -20.43 0.05 30.00
N LEU D 5 -25.95 -18.29 -21.01
CA LEU D 5 -27.03 -17.58 -20.32
C LEU D 5 -26.72 -16.09 -20.20
N LEU D 6 -27.78 -15.31 -20.13
CA LEU D 6 -27.63 -13.88 -19.96
C LEU D 6 -27.61 -13.62 -18.46
N ARG D 7 -26.88 -12.59 -18.03
CA ARG D 7 -26.85 -12.28 -16.61
C ARG D 7 -27.48 -10.92 -16.34
N ILE D 8 -28.59 -10.92 -15.63
CA ILE D 8 -29.25 -9.67 -15.28
C ILE D 8 -28.44 -9.13 -14.10
N LEU D 9 -27.92 -7.91 -14.21
CA LEU D 9 -27.06 -7.35 -13.14
C LEU D 9 -27.66 -6.26 -12.26
N LYS D 10 -26.78 -5.67 -11.45
CA LYS D 10 -27.12 -4.62 -10.53
C LYS D 10 -26.03 -3.55 -10.55
N GLU D 11 -26.45 -2.29 -10.45
CA GLU D 11 -25.55 -1.13 -10.49
C GLU D 11 -24.62 -1.08 -9.30
N THR D 12 -24.02 -2.22 -9.01
CA THR D 12 -23.12 -2.32 -7.88
C THR D 12 -22.05 -3.33 -8.19
N GLU D 13 -22.19 -3.99 -9.33
CA GLU D 13 -21.28 -5.04 -9.71
C GLU D 13 -20.24 -4.60 -10.73
N PHE D 14 -20.37 -3.37 -11.22
CA PHE D 14 -19.41 -2.91 -12.21
C PHE D 14 -18.93 -1.47 -12.07
N LYS D 15 -17.61 -1.32 -11.99
CA LYS D 15 -16.99 0.00 -11.88
C LYS D 15 -16.61 0.48 -13.28
N LYS D 16 -17.17 1.64 -13.67
CA LYS D 16 -16.89 2.21 -14.99
C LYS D 16 -15.60 3.01 -14.97
N ILE D 17 -14.47 2.31 -14.93
CA ILE D 17 -13.14 2.94 -14.90
C ILE D 17 -12.91 4.01 -15.96
N LYS D 18 -12.22 3.67 -17.05
CA LYS D 18 -11.93 4.64 -18.11
C LYS D 18 -13.03 4.72 -19.17
N VAL D 19 -12.93 5.72 -20.04
CA VAL D 19 -13.91 5.93 -21.13
C VAL D 19 -13.22 5.52 -22.44
N LEU D 20 -13.86 4.65 -23.22
CA LEU D 20 -13.27 4.16 -24.46
C LEU D 20 -13.88 4.74 -25.73
N GLY D 21 -15.13 5.17 -25.67
CA GLY D 21 -15.74 5.75 -26.85
C GLY D 21 -17.11 6.32 -26.57
N SER D 22 -17.40 7.49 -27.14
CA SER D 22 -18.70 8.16 -26.97
C SER D 22 -19.24 8.64 -28.31
N GLY D 23 -20.55 8.86 -28.38
CA GLY D 23 -21.16 9.33 -29.60
C GLY D 23 -22.66 9.12 -29.61
N ALA D 24 -23.25 9.10 -30.80
CA ALA D 24 -24.69 8.92 -30.97
C ALA D 24 -25.27 7.84 -30.06
N PHE D 25 -24.78 6.61 -30.24
CA PHE D 25 -25.20 5.41 -29.51
C PHE D 25 -25.19 5.51 -27.97
N GLY D 26 -24.26 6.27 -27.43
CA GLY D 26 -24.13 6.42 -25.98
C GLY D 26 -22.64 6.47 -25.70
N THR D 27 -22.16 5.86 -24.62
CA THR D 27 -20.73 5.91 -24.35
C THR D 27 -20.21 4.59 -23.82
N VAL D 28 -18.94 4.34 -24.08
CA VAL D 28 -18.31 3.10 -23.66
C VAL D 28 -17.20 3.36 -22.65
N TYR D 29 -17.11 2.48 -21.67
CA TYR D 29 -16.07 2.61 -20.65
C TYR D 29 -15.42 1.27 -20.36
N LYS D 30 -14.10 1.27 -20.23
CA LYS D 30 -13.39 0.07 -19.86
C LYS D 30 -13.90 -0.05 -18.43
N GLY D 31 -13.95 -1.25 -17.91
CA GLY D 31 -14.41 -1.38 -16.55
C GLY D 31 -14.05 -2.70 -15.96
N LEU D 32 -14.71 -3.03 -14.88
CA LEU D 32 -14.46 -4.32 -14.28
C LEU D 32 -15.74 -4.89 -13.84
N TRP D 33 -15.80 -6.22 -13.76
CA TRP D 33 -17.03 -6.85 -13.32
C TRP D 33 -16.81 -7.72 -12.04
N ILE D 34 -17.56 -7.44 -10.98
CA ILE D 34 -17.52 -8.15 -9.75
C ILE D 34 -18.90 -8.79 -9.74
N PRO D 35 -18.97 -10.11 -9.60
CA PRO D 35 -20.23 -10.87 -9.59
C PRO D 35 -20.77 -10.79 -8.19
N GLU D 36 -21.89 -10.09 -7.99
CA GLU D 36 -22.49 -9.95 -6.66
C GLU D 36 -22.51 -11.31 -5.96
N GLY D 37 -21.61 -11.52 -5.00
CA GLY D 37 -21.58 -12.79 -4.31
C GLY D 37 -20.18 -13.39 -4.19
N GLU D 38 -19.62 -13.86 -5.30
CA GLU D 38 -18.28 -14.46 -5.29
C GLU D 38 -17.11 -13.45 -5.22
N LYS D 39 -15.90 -14.00 -5.18
CA LYS D 39 -14.67 -13.20 -5.05
C LYS D 39 -13.84 -13.32 -6.32
N VAL D 40 -14.39 -12.79 -7.42
CA VAL D 40 -13.71 -12.83 -8.70
C VAL D 40 -13.84 -11.48 -9.40
N LYS D 41 -12.74 -11.01 -9.98
CA LYS D 41 -12.71 -9.73 -10.69
C LYS D 41 -12.51 -9.96 -12.19
N ILE D 42 -13.51 -9.59 -13.00
CA ILE D 42 -13.44 -9.77 -14.45
C ILE D 42 -13.50 -8.46 -15.23
N PRO D 43 -12.51 -8.23 -16.12
CA PRO D 43 -12.38 -7.03 -16.96
C PRO D 43 -13.40 -7.00 -18.10
N VAL D 44 -14.30 -6.04 -18.04
CA VAL D 44 -15.34 -5.94 -19.05
C VAL D 44 -15.42 -4.56 -19.68
N ALA D 45 -16.43 -4.42 -20.55
CA ALA D 45 -16.71 -3.16 -21.24
C ALA D 45 -18.19 -2.84 -21.02
N ILE D 46 -18.46 -1.58 -20.69
CA ILE D 46 -19.81 -1.14 -20.42
C ILE D 46 -20.19 -0.05 -21.40
N LYS D 47 -21.27 -0.31 -22.14
CA LYS D 47 -21.79 0.62 -23.12
C LYS D 47 -23.18 1.04 -22.67
N GLU D 48 -23.31 2.30 -22.28
CA GLU D 48 -24.60 2.84 -21.84
C GLU D 48 -25.33 3.45 -23.04
N LEU D 49 -26.64 3.24 -23.10
CA LEU D 49 -27.45 3.70 -24.21
C LEU D 49 -28.37 4.86 -23.91
N ARG D 50 -28.44 5.84 -24.81
CA ARG D 50 -29.34 6.97 -24.61
C ARG D 50 -30.55 6.88 -25.53
N SER D 54 -38.78 4.39 -30.03
CA SER D 54 -38.87 5.27 -28.86
C SER D 54 -39.63 4.58 -27.71
N PRO D 55 -39.69 3.26 -27.74
CA PRO D 55 -40.38 2.49 -26.71
C PRO D 55 -39.52 1.32 -26.24
N LYS D 56 -38.95 1.47 -25.04
CA LYS D 56 -38.10 0.42 -24.49
C LYS D 56 -38.87 -0.43 -23.48
N ALA D 57 -39.45 -1.53 -23.94
CA ALA D 57 -40.22 -2.42 -23.07
C ALA D 57 -39.28 -3.35 -22.28
N ASN D 58 -39.24 -3.17 -20.96
CA ASN D 58 -38.38 -3.98 -20.09
C ASN D 58 -38.61 -5.47 -20.26
N LYS D 59 -39.81 -5.85 -20.66
CA LYS D 59 -40.15 -7.25 -20.87
C LYS D 59 -39.63 -7.73 -22.25
N GLU D 60 -39.81 -6.89 -23.28
CA GLU D 60 -39.35 -7.19 -24.63
C GLU D 60 -37.84 -7.12 -24.71
N ILE D 61 -37.29 -5.98 -24.31
CA ILE D 61 -35.84 -5.77 -24.32
C ILE D 61 -35.10 -6.97 -23.75
N LEU D 62 -35.66 -7.58 -22.71
CA LEU D 62 -35.05 -8.74 -22.08
C LEU D 62 -34.85 -9.88 -23.08
N ASP D 63 -35.73 -9.99 -24.06
CA ASP D 63 -35.63 -11.04 -25.06
C ASP D 63 -34.47 -10.82 -26.03
N GLU D 64 -34.44 -9.65 -26.66
CA GLU D 64 -33.38 -9.35 -27.60
C GLU D 64 -32.02 -9.66 -26.99
N ALA D 65 -31.84 -9.21 -25.75
CA ALA D 65 -30.60 -9.44 -25.07
C ALA D 65 -30.28 -10.94 -25.01
N TYR D 66 -31.32 -11.77 -24.98
CA TYR D 66 -31.12 -13.22 -24.93
C TYR D 66 -30.43 -13.68 -26.19
N VAL D 67 -30.84 -13.14 -27.33
CA VAL D 67 -30.22 -13.52 -28.59
C VAL D 67 -28.78 -13.07 -28.60
N MET D 68 -28.57 -11.79 -28.33
CA MET D 68 -27.24 -11.21 -28.31
C MET D 68 -26.34 -11.96 -27.37
N ALA D 69 -26.94 -12.62 -26.39
CA ALA D 69 -26.20 -13.41 -25.42
C ALA D 69 -25.99 -14.84 -25.90
N SER D 70 -26.73 -15.25 -26.93
CA SER D 70 -26.59 -16.59 -27.47
C SER D 70 -25.60 -16.70 -28.62
N VAL D 71 -25.03 -15.58 -29.07
CA VAL D 71 -24.07 -15.66 -30.14
C VAL D 71 -22.79 -16.25 -29.59
N ASP D 72 -22.54 -17.48 -30.00
CA ASP D 72 -21.37 -18.18 -29.56
C ASP D 72 -20.45 -18.44 -30.75
N ASN D 73 -19.42 -17.60 -30.88
CA ASN D 73 -18.46 -17.71 -31.97
C ASN D 73 -17.24 -16.86 -31.62
N PRO D 74 -16.04 -17.38 -31.91
CA PRO D 74 -14.79 -16.67 -31.63
C PRO D 74 -14.57 -15.32 -32.33
N HIS D 75 -15.52 -14.92 -33.17
CA HIS D 75 -15.40 -13.66 -33.87
C HIS D 75 -16.66 -12.80 -33.84
N VAL D 76 -17.47 -13.00 -32.80
CA VAL D 76 -18.68 -12.24 -32.61
C VAL D 76 -18.93 -12.01 -31.11
N CYS D 77 -18.69 -10.78 -30.67
CA CYS D 77 -18.88 -10.41 -29.28
C CYS D 77 -20.23 -10.87 -28.75
N ARG D 78 -20.19 -11.52 -27.60
CA ARG D 78 -21.40 -12.02 -26.97
C ARG D 78 -21.77 -11.17 -25.77
N LEU D 79 -23.07 -10.93 -25.60
CA LEU D 79 -23.55 -10.16 -24.47
C LEU D 79 -23.37 -11.06 -23.26
N LEU D 80 -22.64 -10.58 -22.25
CA LEU D 80 -22.40 -11.37 -21.05
C LEU D 80 -23.51 -11.20 -20.05
N GLY D 81 -23.82 -9.94 -19.76
CA GLY D 81 -24.87 -9.64 -18.81
C GLY D 81 -25.50 -8.30 -19.11
N ILE D 82 -26.77 -8.17 -18.74
CA ILE D 82 -27.54 -6.95 -18.96
C ILE D 82 -27.84 -6.30 -17.61
N CYS D 83 -28.53 -5.15 -17.62
CA CYS D 83 -28.87 -4.44 -16.39
C CYS D 83 -29.60 -3.14 -16.72
N LEU D 84 -30.86 -3.02 -16.31
CA LEU D 84 -31.64 -1.82 -16.62
C LEU D 84 -32.17 -1.09 -15.38
N THR D 85 -32.06 0.24 -15.41
CA THR D 85 -32.60 1.07 -14.35
C THR D 85 -33.20 2.28 -15.05
N SER D 86 -32.36 3.23 -15.42
CA SER D 86 -32.84 4.40 -16.14
C SER D 86 -32.24 4.35 -17.53
N THR D 87 -31.06 3.77 -17.63
CA THR D 87 -30.36 3.65 -18.89
C THR D 87 -29.78 2.25 -19.02
N VAL D 88 -30.06 1.63 -20.16
CA VAL D 88 -29.61 0.28 -20.46
C VAL D 88 -28.13 0.05 -20.19
N GLN D 89 -27.83 -1.09 -19.56
CA GLN D 89 -26.46 -1.46 -19.23
C GLN D 89 -26.05 -2.79 -19.86
N LEU D 90 -25.21 -2.71 -20.91
CA LEU D 90 -24.75 -3.89 -21.61
C LEU D 90 -23.34 -4.30 -21.20
N ILE D 91 -23.21 -5.44 -20.53
CA ILE D 91 -21.91 -5.90 -20.08
C ILE D 91 -21.36 -6.98 -20.98
N THR D 92 -20.20 -6.72 -21.57
CA THR D 92 -19.55 -7.68 -22.46
C THR D 92 -18.06 -7.69 -22.19
N GLN D 93 -17.39 -8.78 -22.54
CA GLN D 93 -15.96 -8.87 -22.30
C GLN D 93 -15.21 -7.69 -22.88
N LEU D 94 -14.28 -7.14 -22.12
CA LEU D 94 -13.53 -5.99 -22.58
C LEU D 94 -12.54 -6.32 -23.68
N MET D 95 -12.49 -5.45 -24.69
CA MET D 95 -11.59 -5.61 -25.82
C MET D 95 -10.43 -4.64 -25.70
N PRO D 96 -9.31 -5.12 -25.17
CA PRO D 96 -8.08 -4.34 -24.97
C PRO D 96 -7.74 -3.31 -26.02
N PHE D 97 -7.61 -3.72 -27.29
CA PHE D 97 -7.20 -2.77 -28.32
C PHE D 97 -8.21 -1.89 -29.02
N GLY D 98 -9.42 -1.79 -28.48
CA GLY D 98 -10.41 -0.95 -29.13
C GLY D 98 -10.79 -1.40 -30.53
N CYS D 99 -11.52 -0.55 -31.25
CA CYS D 99 -11.98 -0.87 -32.59
C CYS D 99 -10.87 -0.90 -33.64
N LEU D 100 -11.03 -1.82 -34.58
CA LEU D 100 -10.09 -2.04 -35.66
C LEU D 100 -9.88 -0.79 -36.49
N LEU D 101 -10.94 0.01 -36.64
CA LEU D 101 -10.82 1.24 -37.42
C LEU D 101 -9.69 2.10 -36.89
N ASP D 102 -9.83 2.58 -35.67
CA ASP D 102 -8.80 3.41 -35.06
C ASP D 102 -7.46 2.71 -35.24
N TYR D 103 -7.44 1.43 -34.89
CA TYR D 103 -6.24 0.59 -34.95
C TYR D 103 -5.48 0.63 -36.26
N VAL D 104 -6.17 0.45 -37.37
CA VAL D 104 -5.50 0.45 -38.66
C VAL D 104 -4.98 1.85 -39.00
N ARG D 105 -5.73 2.86 -38.58
CA ARG D 105 -5.33 4.23 -38.83
C ARG D 105 -4.08 4.58 -38.04
N GLU D 106 -3.98 4.03 -36.84
CA GLU D 106 -2.87 4.28 -35.96
C GLU D 106 -1.65 3.40 -36.21
N HIS D 107 -1.68 2.55 -37.23
CA HIS D 107 -0.54 1.68 -37.50
C HIS D 107 -0.27 1.53 -38.98
N LYS D 108 -0.78 2.46 -39.78
CA LYS D 108 -0.60 2.42 -41.22
C LYS D 108 0.72 1.83 -41.73
N ASP D 109 1.83 2.15 -41.09
CA ASP D 109 3.13 1.64 -41.55
C ASP D 109 3.58 0.38 -40.83
N ASN D 110 2.71 -0.17 -40.00
CA ASN D 110 3.04 -1.36 -39.24
C ASN D 110 2.11 -2.55 -39.49
N ILE D 111 1.14 -2.37 -40.36
CA ILE D 111 0.23 -3.46 -40.65
C ILE D 111 0.55 -4.05 -42.01
N GLY D 112 0.93 -5.33 -42.04
CA GLY D 112 1.28 -5.98 -43.28
C GLY D 112 0.16 -6.69 -44.01
N SER D 113 0.50 -7.32 -45.14
CA SER D 113 -0.47 -8.02 -45.95
C SER D 113 -1.18 -9.13 -45.18
N GLN D 114 -0.43 -9.94 -44.46
CA GLN D 114 -1.04 -11.04 -43.71
C GLN D 114 -2.06 -10.68 -42.63
N TYR D 115 -1.82 -9.64 -41.85
CA TYR D 115 -2.78 -9.28 -40.82
C TYR D 115 -4.08 -8.84 -41.44
N LEU D 116 -3.96 -8.01 -42.47
CA LEU D 116 -5.13 -7.49 -43.18
C LEU D 116 -6.00 -8.61 -43.71
N LEU D 117 -5.39 -9.52 -44.46
CA LEU D 117 -6.14 -10.63 -45.04
C LEU D 117 -6.83 -11.49 -44.00
N ASN D 118 -6.17 -11.67 -42.85
CA ASN D 118 -6.74 -12.49 -41.78
C ASN D 118 -7.97 -11.84 -41.17
N TRP D 119 -7.85 -10.56 -40.85
CA TRP D 119 -8.99 -9.88 -40.26
C TRP D 119 -10.18 -10.08 -41.21
N CYS D 120 -9.90 -10.01 -42.51
CA CYS D 120 -10.95 -10.18 -43.52
C CYS D 120 -11.57 -11.56 -43.37
N VAL D 121 -10.72 -12.57 -43.28
CA VAL D 121 -11.19 -13.92 -43.12
C VAL D 121 -12.05 -13.93 -41.86
N GLN D 122 -11.41 -13.59 -40.74
CA GLN D 122 -12.07 -13.56 -39.46
C GLN D 122 -13.39 -12.83 -39.43
N ILE D 123 -13.46 -11.65 -40.04
CA ILE D 123 -14.72 -10.94 -39.99
C ILE D 123 -15.76 -11.68 -40.80
N ALA D 124 -15.31 -12.32 -41.88
CA ALA D 124 -16.22 -13.07 -42.74
C ALA D 124 -16.80 -14.22 -41.91
N GLU D 125 -15.92 -14.91 -41.21
CA GLU D 125 -16.31 -16.04 -40.37
C GLU D 125 -17.42 -15.67 -39.41
N GLY D 126 -17.22 -14.55 -38.71
CA GLY D 126 -18.18 -14.09 -37.74
C GLY D 126 -19.49 -13.83 -38.41
N MET D 127 -19.46 -13.09 -39.51
CA MET D 127 -20.68 -12.79 -40.25
C MET D 127 -21.36 -14.08 -40.68
N ASN D 128 -20.55 -15.01 -41.18
CA ASN D 128 -21.07 -16.27 -41.64
C ASN D 128 -21.85 -16.94 -40.51
N TYR D 129 -21.29 -16.89 -39.31
CA TYR D 129 -21.95 -17.49 -38.17
C TYR D 129 -23.33 -16.85 -38.02
N LEU D 130 -23.37 -15.53 -37.99
CA LEU D 130 -24.63 -14.83 -37.84
C LEU D 130 -25.61 -15.23 -38.91
N GLU D 131 -25.10 -15.55 -40.08
CA GLU D 131 -25.99 -15.93 -41.16
C GLU D 131 -26.57 -17.31 -40.90
N ASP D 132 -25.72 -18.27 -40.52
CA ASP D 132 -26.20 -19.63 -40.25
C ASP D 132 -27.28 -19.60 -39.21
N ARG D 133 -27.33 -18.49 -38.46
CA ARG D 133 -28.31 -18.35 -37.42
C ARG D 133 -29.42 -17.42 -37.85
N ARG D 134 -29.58 -17.28 -39.16
CA ARG D 134 -30.63 -16.42 -39.70
C ARG D 134 -30.69 -15.08 -38.96
N LEU D 135 -29.52 -14.53 -38.61
CA LEU D 135 -29.46 -13.24 -37.92
C LEU D 135 -28.73 -12.21 -38.77
N VAL D 136 -29.34 -11.04 -38.95
CA VAL D 136 -28.70 -9.98 -39.74
C VAL D 136 -28.11 -8.90 -38.81
N HIS D 137 -26.92 -8.43 -39.12
CA HIS D 137 -26.26 -7.43 -38.29
C HIS D 137 -26.83 -6.03 -38.51
N ARG D 138 -26.76 -5.57 -39.76
CA ARG D 138 -27.27 -4.26 -40.17
C ARG D 138 -26.33 -3.10 -39.96
N ASP D 139 -25.20 -3.33 -39.30
CA ASP D 139 -24.30 -2.21 -39.08
C ASP D 139 -22.86 -2.63 -39.08
N LEU D 140 -22.54 -3.65 -39.85
CA LEU D 140 -21.17 -4.10 -39.94
C LEU D 140 -20.31 -2.95 -40.51
N ALA D 141 -19.13 -2.75 -39.94
CA ALA D 141 -18.20 -1.70 -40.37
C ALA D 141 -16.92 -1.73 -39.52
N ALA D 142 -15.81 -1.25 -40.07
CA ALA D 142 -14.54 -1.26 -39.36
C ALA D 142 -14.62 -0.71 -37.94
N ARG D 143 -15.52 0.24 -37.72
CA ARG D 143 -15.65 0.84 -36.40
C ARG D 143 -16.42 -0.09 -35.48
N ASN D 144 -16.85 -1.23 -36.01
CA ASN D 144 -17.60 -2.19 -35.19
C ASN D 144 -16.97 -3.57 -35.17
N VAL D 145 -15.65 -3.55 -35.24
CA VAL D 145 -14.83 -4.74 -35.19
C VAL D 145 -13.79 -4.38 -34.16
N LEU D 146 -13.90 -4.99 -32.98
CA LEU D 146 -12.97 -4.72 -31.88
C LEU D 146 -11.79 -5.67 -31.96
N VAL D 147 -10.65 -5.23 -31.42
CA VAL D 147 -9.43 -6.02 -31.46
C VAL D 147 -9.14 -6.73 -30.14
N LYS D 148 -9.13 -8.05 -30.16
CA LYS D 148 -8.83 -8.82 -28.96
C LYS D 148 -7.32 -8.92 -28.84
N THR D 149 -6.68 -8.97 -29.99
CA THR D 149 -5.21 -9.03 -30.09
C THR D 149 -4.96 -8.66 -31.56
N PRO D 150 -3.73 -8.26 -31.90
CA PRO D 150 -3.49 -7.90 -33.30
C PRO D 150 -3.75 -9.02 -34.32
N GLN D 151 -4.08 -10.22 -33.84
CA GLN D 151 -4.36 -11.30 -34.76
C GLN D 151 -5.65 -12.01 -34.43
N HIS D 152 -6.55 -11.33 -33.77
CA HIS D 152 -7.84 -11.91 -33.44
C HIS D 152 -8.78 -10.75 -33.25
N VAL D 153 -9.74 -10.63 -34.13
CA VAL D 153 -10.69 -9.53 -34.08
C VAL D 153 -12.09 -10.06 -34.01
N LYS D 154 -13.04 -9.23 -33.57
CA LYS D 154 -14.41 -9.69 -33.53
C LYS D 154 -15.48 -8.63 -33.69
N ILE D 155 -16.53 -9.06 -34.37
CA ILE D 155 -17.67 -8.23 -34.72
C ILE D 155 -18.41 -7.89 -33.46
N THR D 156 -18.71 -6.61 -33.27
CA THR D 156 -19.41 -6.17 -32.08
C THR D 156 -20.67 -5.37 -32.41
N ASP D 157 -21.43 -5.03 -31.37
CA ASP D 157 -22.66 -4.26 -31.47
C ASP D 157 -23.81 -5.05 -32.04
N PHE D 158 -23.63 -6.33 -32.27
CA PHE D 158 -24.73 -7.10 -32.84
C PHE D 158 -26.02 -6.90 -32.05
N GLY D 159 -27.12 -6.62 -32.76
CA GLY D 159 -28.42 -6.44 -32.12
C GLY D 159 -28.75 -5.05 -31.63
N LEU D 160 -27.80 -4.13 -31.64
CA LEU D 160 -28.06 -2.76 -31.18
C LEU D 160 -29.21 -2.13 -31.95
N ALA D 161 -28.94 -1.77 -33.20
CA ALA D 161 -29.94 -1.16 -34.08
C ALA D 161 -31.33 -1.67 -33.70
N LYS D 162 -31.68 -2.87 -34.18
CA LYS D 162 -32.97 -3.49 -33.91
C LYS D 162 -33.55 -2.96 -32.60
N LEU D 163 -32.84 -3.21 -31.51
CA LEU D 163 -33.29 -2.76 -30.19
C LEU D 163 -33.92 -1.37 -30.25
N LEU D 164 -33.12 -0.37 -30.62
CA LEU D 164 -33.60 1.01 -30.72
C LEU D 164 -34.50 1.22 -31.95
N GLY D 165 -33.89 1.52 -33.10
CA GLY D 165 -34.68 1.72 -34.31
C GLY D 165 -34.56 3.14 -34.84
N LYS D 177 -30.26 8.58 -37.15
CA LYS D 177 -29.01 8.62 -37.92
C LYS D 177 -28.70 7.23 -38.51
N VAL D 178 -28.40 7.20 -39.81
CA VAL D 178 -28.10 5.94 -40.50
C VAL D 178 -26.81 5.95 -41.32
N PRO D 179 -26.04 4.85 -41.23
CA PRO D 179 -24.75 4.62 -41.93
C PRO D 179 -24.87 4.46 -43.44
N ILE D 180 -25.49 5.43 -44.11
CA ILE D 180 -25.67 5.38 -45.55
C ILE D 180 -24.49 4.86 -46.35
N LYS D 181 -23.31 5.40 -46.12
CA LYS D 181 -22.16 4.96 -46.90
C LYS D 181 -21.71 3.53 -46.66
N TRP D 182 -22.37 2.83 -45.74
CA TRP D 182 -22.03 1.42 -45.45
C TRP D 182 -23.23 0.56 -45.83
N MET D 183 -24.35 1.21 -46.11
CA MET D 183 -25.57 0.52 -46.45
C MET D 183 -25.62 0.15 -47.93
N ALA D 184 -26.40 -0.88 -48.23
CA ALA D 184 -26.56 -1.32 -49.61
C ALA D 184 -27.74 -0.52 -50.18
N LEU D 185 -27.80 -0.40 -51.50
CA LEU D 185 -28.85 0.34 -52.19
C LEU D 185 -30.28 0.03 -51.72
N GLU D 186 -30.64 -1.25 -51.62
CA GLU D 186 -31.99 -1.61 -51.18
C GLU D 186 -32.26 -1.14 -49.75
N SER D 187 -31.22 -1.17 -48.92
CA SER D 187 -31.30 -0.72 -47.52
C SER D 187 -31.58 0.78 -47.53
N ILE D 188 -30.76 1.51 -48.27
CA ILE D 188 -30.89 2.95 -48.40
C ILE D 188 -32.29 3.32 -48.89
N LEU D 189 -32.69 2.74 -50.02
CA LEU D 189 -33.98 3.06 -50.63
C LEU D 189 -35.23 2.53 -49.94
N HIS D 190 -35.25 1.26 -49.56
CA HIS D 190 -36.45 0.69 -48.94
C HIS D 190 -36.32 0.21 -47.51
N ARG D 191 -35.16 0.45 -46.89
CA ARG D 191 -34.97 -0.01 -45.53
C ARG D 191 -35.11 -1.54 -45.55
N ILE D 192 -34.33 -2.19 -46.40
CA ILE D 192 -34.34 -3.65 -46.51
C ILE D 192 -33.00 -4.12 -46.03
N TYR D 193 -33.01 -5.09 -45.12
CA TYR D 193 -31.77 -5.64 -44.58
C TYR D 193 -31.74 -7.15 -44.67
N THR D 194 -30.64 -7.66 -45.19
CA THR D 194 -30.49 -9.10 -45.35
C THR D 194 -29.03 -9.52 -45.29
N HIS D 195 -28.80 -10.81 -45.23
CA HIS D 195 -27.45 -11.32 -45.17
C HIS D 195 -26.68 -10.74 -46.33
N GLN D 196 -27.40 -10.49 -47.41
CA GLN D 196 -26.78 -9.96 -48.61
C GLN D 196 -26.46 -8.50 -48.46
N SER D 197 -27.37 -7.73 -47.85
CA SER D 197 -27.12 -6.32 -47.59
C SER D 197 -25.89 -6.27 -46.68
N ASP D 198 -25.78 -7.24 -45.78
CA ASP D 198 -24.62 -7.32 -44.88
C ASP D 198 -23.39 -7.54 -45.72
N VAL D 199 -23.50 -8.37 -46.74
CA VAL D 199 -22.36 -8.65 -47.59
C VAL D 199 -21.82 -7.38 -48.19
N TRP D 200 -22.72 -6.45 -48.44
CA TRP D 200 -22.35 -5.16 -49.02
C TRP D 200 -21.48 -4.36 -48.07
N SER D 201 -21.88 -4.32 -46.81
CA SER D 201 -21.16 -3.62 -45.76
C SER D 201 -19.78 -4.23 -45.62
N TYR D 202 -19.76 -5.56 -45.49
CA TYR D 202 -18.51 -6.28 -45.35
C TYR D 202 -17.53 -5.74 -46.38
N GLY D 203 -18.08 -5.43 -47.54
CA GLY D 203 -17.27 -4.91 -48.63
C GLY D 203 -16.63 -3.62 -48.17
N VAL D 204 -17.48 -2.67 -47.81
CA VAL D 204 -17.02 -1.37 -47.34
C VAL D 204 -15.99 -1.62 -46.25
N THR D 205 -16.39 -2.34 -45.22
CA THR D 205 -15.50 -2.67 -44.12
C THR D 205 -14.12 -3.06 -44.67
N VAL D 206 -14.09 -4.03 -45.59
CA VAL D 206 -12.81 -4.47 -46.14
C VAL D 206 -12.09 -3.32 -46.82
N TRP D 207 -12.85 -2.40 -47.40
CA TRP D 207 -12.26 -1.26 -48.07
C TRP D 207 -11.56 -0.40 -47.03
N GLU D 208 -12.27 -0.11 -45.94
CA GLU D 208 -11.69 0.69 -44.87
C GLU D 208 -10.33 0.09 -44.55
N LEU D 209 -10.29 -1.19 -44.23
CA LEU D 209 -9.03 -1.83 -43.90
C LEU D 209 -7.98 -1.64 -44.97
N MET D 210 -8.30 -2.04 -46.20
CA MET D 210 -7.35 -1.91 -47.30
C MET D 210 -6.82 -0.50 -47.51
N THR D 211 -7.59 0.50 -47.10
CA THR D 211 -7.14 1.87 -47.25
C THR D 211 -6.77 2.42 -45.88
N PHE D 212 -6.30 1.52 -45.02
CA PHE D 212 -5.88 1.84 -43.66
C PHE D 212 -6.71 2.90 -42.91
N GLY D 213 -8.02 2.80 -42.98
CA GLY D 213 -8.86 3.74 -42.25
C GLY D 213 -9.44 4.92 -42.99
N SER D 214 -9.25 4.99 -44.29
CA SER D 214 -9.77 6.11 -45.07
C SER D 214 -11.30 6.20 -44.93
N LYS D 215 -11.84 7.41 -45.02
CA LYS D 215 -13.27 7.59 -44.91
C LYS D 215 -13.93 7.36 -46.27
N PRO D 216 -14.88 6.43 -46.35
CA PRO D 216 -15.57 6.11 -47.60
C PRO D 216 -16.29 7.31 -48.19
N TYR D 217 -16.31 7.38 -49.52
CA TYR D 217 -16.98 8.45 -50.23
C TYR D 217 -16.74 9.74 -49.48
N ASP D 218 -15.49 9.97 -49.10
CA ASP D 218 -15.16 11.17 -48.35
C ASP D 218 -15.59 12.42 -49.10
N GLY D 219 -16.36 13.28 -48.44
CA GLY D 219 -16.79 14.51 -49.07
C GLY D 219 -18.22 14.45 -49.54
N ILE D 220 -18.47 13.53 -50.45
CA ILE D 220 -19.80 13.36 -51.01
C ILE D 220 -20.88 13.25 -49.92
N PRO D 221 -21.71 14.31 -49.79
CA PRO D 221 -22.79 14.34 -48.80
C PRO D 221 -23.54 13.02 -48.85
N ALA D 222 -23.95 12.53 -47.69
CA ALA D 222 -24.67 11.26 -47.63
C ALA D 222 -25.85 11.17 -48.60
N SER D 223 -26.71 12.18 -48.57
CA SER D 223 -27.88 12.21 -49.45
C SER D 223 -27.57 12.04 -50.93
N GLU D 224 -26.32 12.29 -51.31
CA GLU D 224 -25.91 12.17 -52.70
C GLU D 224 -25.37 10.77 -53.03
N ILE D 225 -25.41 9.87 -52.04
CA ILE D 225 -24.91 8.52 -52.22
C ILE D 225 -25.77 7.60 -53.06
N SER D 226 -27.05 7.46 -52.70
CA SER D 226 -27.94 6.57 -53.45
C SER D 226 -27.81 6.77 -54.96
N SER D 227 -27.72 8.04 -55.36
CA SER D 227 -27.61 8.45 -56.76
C SER D 227 -26.34 8.00 -57.49
N ILE D 228 -25.19 8.40 -56.95
CA ILE D 228 -23.92 8.03 -57.55
C ILE D 228 -23.81 6.51 -57.58
N LEU D 229 -24.47 5.89 -56.61
CA LEU D 229 -24.47 4.44 -56.50
C LEU D 229 -25.20 3.79 -57.66
N GLU D 230 -26.34 4.36 -58.04
CA GLU D 230 -27.13 3.86 -59.16
C GLU D 230 -26.44 4.15 -60.48
N LYS D 231 -25.66 5.23 -60.50
CA LYS D 231 -24.91 5.66 -61.69
C LYS D 231 -23.71 4.76 -62.01
N GLY D 232 -23.47 3.77 -61.14
CA GLY D 232 -22.37 2.84 -61.37
C GLY D 232 -21.14 3.16 -60.55
N GLU D 233 -21.26 4.16 -59.67
CA GLU D 233 -20.16 4.60 -58.81
C GLU D 233 -19.87 3.61 -57.69
N ARG D 234 -18.59 3.53 -57.32
CA ARG D 234 -18.15 2.65 -56.26
C ARG D 234 -16.87 3.21 -55.66
N LEU D 235 -16.46 2.66 -54.53
CA LEU D 235 -15.23 3.12 -53.91
C LEU D 235 -14.07 2.72 -54.81
N PRO D 236 -13.02 3.54 -54.84
CA PRO D 236 -11.83 3.30 -55.65
C PRO D 236 -10.93 2.17 -55.17
N GLN D 237 -10.21 1.59 -56.12
CA GLN D 237 -9.31 0.51 -55.80
C GLN D 237 -8.24 1.00 -54.85
N PRO D 238 -8.18 0.43 -53.64
CA PRO D 238 -7.17 0.86 -52.68
C PRO D 238 -5.80 0.61 -53.31
N PRO D 239 -4.84 1.52 -53.09
CA PRO D 239 -3.48 1.41 -53.63
C PRO D 239 -2.76 0.08 -53.41
N ILE D 240 -2.95 -0.52 -52.24
CA ILE D 240 -2.30 -1.78 -51.91
C ILE D 240 -3.01 -3.04 -52.43
N CYS D 241 -4.17 -2.85 -53.04
CA CYS D 241 -4.93 -3.98 -53.57
C CYS D 241 -4.58 -4.36 -54.99
N THR D 242 -4.40 -5.66 -55.25
CA THR D 242 -4.13 -6.11 -56.60
C THR D 242 -5.53 -6.15 -57.21
N ILE D 243 -5.64 -6.31 -58.53
CA ILE D 243 -6.95 -6.34 -59.16
C ILE D 243 -7.82 -7.42 -58.50
N ASP D 244 -7.21 -8.56 -58.20
CA ASP D 244 -7.89 -9.69 -57.59
C ASP D 244 -8.67 -9.31 -56.34
N VAL D 245 -8.04 -8.61 -55.41
CA VAL D 245 -8.73 -8.24 -54.19
C VAL D 245 -9.83 -7.24 -54.44
N TYR D 246 -9.49 -6.18 -55.15
CA TYR D 246 -10.46 -5.13 -55.45
C TYR D 246 -11.72 -5.69 -56.13
N MET D 247 -11.55 -6.76 -56.89
CA MET D 247 -12.65 -7.39 -57.59
C MET D 247 -13.72 -7.95 -56.67
N ILE D 248 -13.27 -8.58 -55.58
CA ILE D 248 -14.18 -9.17 -54.61
C ILE D 248 -14.93 -8.09 -53.82
N MET D 249 -14.29 -6.95 -53.64
CA MET D 249 -14.89 -5.85 -52.92
C MET D 249 -16.05 -5.31 -53.72
N VAL D 250 -15.78 -5.17 -55.02
CA VAL D 250 -16.78 -4.65 -55.93
C VAL D 250 -17.97 -5.60 -56.05
N LYS D 251 -17.67 -6.87 -56.23
CA LYS D 251 -18.71 -7.88 -56.34
C LYS D 251 -19.70 -7.72 -55.19
N CYS D 252 -19.21 -7.21 -54.06
CA CYS D 252 -20.06 -7.01 -52.88
C CYS D 252 -21.02 -5.85 -53.08
N TRP D 253 -20.66 -4.93 -53.96
CA TRP D 253 -21.51 -3.77 -54.17
C TRP D 253 -22.42 -3.75 -55.40
N MET D 254 -22.73 -4.91 -55.92
CA MET D 254 -23.61 -4.96 -57.08
C MET D 254 -25.01 -4.53 -56.63
N ILE D 255 -25.81 -4.04 -57.58
CA ILE D 255 -27.17 -3.61 -57.27
C ILE D 255 -28.04 -4.81 -56.95
N ASP D 256 -27.82 -5.90 -57.67
CA ASP D 256 -28.59 -7.13 -57.46
C ASP D 256 -28.01 -7.88 -56.28
N ALA D 257 -28.81 -7.98 -55.23
CA ALA D 257 -28.39 -8.66 -54.02
C ALA D 257 -27.86 -10.05 -54.31
N ASP D 258 -28.64 -10.84 -55.05
CA ASP D 258 -28.26 -12.22 -55.39
C ASP D 258 -26.99 -12.35 -56.24
N SER D 259 -26.35 -11.23 -56.56
CA SER D 259 -25.13 -11.28 -57.35
C SER D 259 -23.91 -11.12 -56.46
N ARG D 260 -24.14 -10.56 -55.28
CA ARG D 260 -23.09 -10.35 -54.27
C ARG D 260 -22.69 -11.71 -53.73
N PRO D 261 -21.40 -11.88 -53.41
CA PRO D 261 -20.90 -13.14 -52.88
C PRO D 261 -21.65 -13.56 -51.64
N LYS D 262 -21.45 -14.80 -51.22
CA LYS D 262 -22.06 -15.25 -49.99
C LYS D 262 -20.91 -15.31 -48.99
N PHE D 263 -21.21 -15.07 -47.72
CA PHE D 263 -20.16 -15.09 -46.73
C PHE D 263 -19.37 -16.38 -46.78
N ARG D 264 -20.03 -17.52 -46.93
CA ARG D 264 -19.32 -18.79 -46.99
C ARG D 264 -18.32 -18.78 -48.16
N GLU D 265 -18.61 -18.01 -49.21
CA GLU D 265 -17.71 -17.92 -50.34
C GLU D 265 -16.57 -16.98 -49.92
N LEU D 266 -16.94 -15.81 -49.42
CA LEU D 266 -15.96 -14.83 -48.99
C LEU D 266 -14.88 -15.45 -48.11
N ILE D 267 -15.31 -16.22 -47.10
CA ILE D 267 -14.38 -16.84 -46.18
C ILE D 267 -13.33 -17.65 -46.90
N ILE D 268 -13.77 -18.48 -47.84
CA ILE D 268 -12.85 -19.35 -48.61
C ILE D 268 -11.87 -18.57 -49.48
N GLU D 269 -12.40 -17.55 -50.13
CA GLU D 269 -11.59 -16.72 -51.00
C GLU D 269 -10.42 -16.13 -50.21
N PHE D 270 -10.74 -15.37 -49.15
CA PHE D 270 -9.71 -14.74 -48.33
C PHE D 270 -8.79 -15.71 -47.63
N SER D 271 -9.33 -16.83 -47.17
CA SER D 271 -8.50 -17.82 -46.50
C SER D 271 -7.40 -18.22 -47.47
N LYS D 272 -7.76 -18.29 -48.75
CA LYS D 272 -6.80 -18.66 -49.78
C LYS D 272 -5.73 -17.60 -49.96
N MET D 273 -6.15 -16.35 -50.13
CA MET D 273 -5.19 -15.26 -50.31
C MET D 273 -4.32 -15.14 -49.08
N ALA D 274 -4.91 -15.37 -47.91
CA ALA D 274 -4.17 -15.28 -46.67
C ALA D 274 -2.99 -16.24 -46.66
N ARG D 275 -3.03 -17.26 -47.52
CA ARG D 275 -1.95 -18.24 -47.58
C ARG D 275 -0.78 -17.82 -48.43
N ASP D 276 -0.86 -16.63 -48.98
CA ASP D 276 0.21 -16.10 -49.83
C ASP D 276 -0.07 -14.62 -49.93
N PRO D 277 -0.31 -13.98 -48.77
CA PRO D 277 -0.62 -12.56 -48.60
C PRO D 277 0.12 -11.56 -49.47
N GLN D 278 1.42 -11.79 -49.68
CA GLN D 278 2.19 -10.87 -50.49
C GLN D 278 1.88 -10.91 -51.99
N ARG D 279 1.06 -11.86 -52.43
CA ARG D 279 0.71 -11.95 -53.85
C ARG D 279 -0.59 -11.21 -54.15
N TYR D 280 -1.36 -10.91 -53.11
CA TYR D 280 -2.63 -10.23 -53.29
C TYR D 280 -2.67 -8.79 -52.77
N LEU D 281 -1.75 -8.45 -51.87
CA LEU D 281 -1.67 -7.09 -51.33
C LEU D 281 -0.23 -6.63 -51.39
N VAL D 282 -0.01 -5.44 -51.92
CA VAL D 282 1.34 -4.94 -52.00
C VAL D 282 1.54 -3.77 -51.05
N ILE D 283 2.42 -3.99 -50.06
CA ILE D 283 2.74 -2.97 -49.07
C ILE D 283 4.24 -2.91 -48.87
N GLN D 284 4.74 -1.72 -48.54
CA GLN D 284 6.17 -1.51 -48.34
C GLN D 284 6.77 -2.32 -47.18
N GLY D 285 7.32 -3.49 -47.52
CA GLY D 285 7.90 -4.36 -46.50
C GLY D 285 7.28 -5.74 -46.52
N ASP D 310 -11.25 -10.87 -5.35
CA ASP D 310 -9.83 -10.59 -5.41
C ASP D 310 -9.23 -11.23 -6.65
N ASP D 311 -9.44 -12.53 -6.81
CA ASP D 311 -8.92 -13.27 -7.96
C ASP D 311 -9.46 -12.71 -9.29
N VAL D 312 -8.55 -12.32 -10.18
CA VAL D 312 -8.94 -11.77 -11.48
C VAL D 312 -9.01 -12.85 -12.55
N VAL D 313 -10.15 -12.94 -13.22
CA VAL D 313 -10.37 -13.94 -14.26
C VAL D 313 -11.01 -13.30 -15.49
N ASP D 314 -10.83 -13.92 -16.66
CA ASP D 314 -11.41 -13.40 -17.89
C ASP D 314 -12.80 -13.99 -18.12
N ALA D 315 -13.59 -13.32 -18.94
CA ALA D 315 -14.93 -13.79 -19.25
C ALA D 315 -14.87 -15.07 -20.06
N ASP D 316 -13.69 -15.41 -20.56
CA ASP D 316 -13.51 -16.63 -21.36
C ASP D 316 -13.69 -17.86 -20.49
N GLU D 317 -12.62 -18.27 -19.83
CA GLU D 317 -12.66 -19.44 -18.96
C GLU D 317 -13.85 -19.39 -18.01
N TYR D 318 -14.16 -18.20 -17.50
CA TYR D 318 -15.27 -18.01 -16.58
C TYR D 318 -16.61 -18.47 -17.15
N LEU D 319 -16.76 -18.35 -18.46
CA LEU D 319 -17.99 -18.74 -19.15
C LEU D 319 -18.35 -20.22 -19.10
N ILE D 320 -17.38 -21.08 -18.76
CA ILE D 320 -17.60 -22.53 -18.68
C ILE D 320 -19.02 -22.94 -18.23
N SER E 13 8.10 20.27 30.77
CA SER E 13 8.52 18.98 31.38
C SER E 13 10.03 18.71 31.27
N LEU E 14 10.80 19.77 30.98
CA LEU E 14 12.25 19.74 30.84
C LEU E 14 13.07 19.49 32.12
N PRO E 15 14.42 19.58 32.03
CA PRO E 15 15.30 19.39 33.19
C PRO E 15 15.74 20.71 33.84
N SER E 16 15.34 20.89 35.10
CA SER E 16 15.72 22.08 35.84
C SER E 16 17.16 21.89 36.32
N TYR E 17 18.11 21.88 35.41
CA TYR E 17 19.50 21.68 35.82
C TYR E 17 20.10 22.95 36.41
N LEU E 18 20.78 22.82 37.55
CA LEU E 18 21.42 23.96 38.21
C LEU E 18 22.60 24.44 37.39
N ASN E 19 22.27 25.26 36.39
CA ASN E 19 23.24 25.85 35.48
C ASN E 19 23.56 24.92 34.34
N GLY E 20 22.49 24.36 33.76
CA GLY E 20 22.62 23.45 32.62
C GLY E 20 23.53 22.26 32.83
N VAL E 21 24.35 22.30 33.88
CA VAL E 21 25.27 21.21 34.17
C VAL E 21 24.43 19.97 34.29
N MET E 22 24.44 19.19 33.22
CA MET E 22 23.72 17.93 33.12
C MET E 22 24.66 16.87 33.69
N PRO E 23 24.22 16.21 34.78
CA PRO E 23 24.92 15.16 35.52
C PRO E 23 25.23 13.91 34.76
N PRO E 24 26.34 13.26 35.11
CA PRO E 24 26.78 12.03 34.46
C PRO E 24 25.68 11.05 34.25
N THR E 25 24.88 10.81 35.29
CA THR E 25 23.80 9.84 35.18
C THR E 25 22.57 10.31 35.91
N GLN E 26 21.55 9.46 35.90
CA GLN E 26 20.27 9.68 36.58
C GLN E 26 19.87 8.29 37.06
N SER E 27 19.42 8.17 38.30
CA SER E 27 19.09 6.84 38.78
C SER E 27 17.63 6.56 38.69
N PHE E 28 17.30 5.29 38.53
CA PHE E 28 15.91 4.89 38.44
C PHE E 28 15.53 3.84 39.48
N ALA E 29 16.43 3.58 40.44
CA ALA E 29 16.10 2.61 41.46
C ALA E 29 15.03 3.33 42.27
N PRO E 30 14.18 2.59 42.99
CA PRO E 30 14.15 1.13 43.13
C PRO E 30 13.43 0.41 42.01
N ASP E 31 12.73 1.14 41.13
CA ASP E 31 12.03 0.48 40.03
C ASP E 31 12.92 -0.65 39.50
N PRO E 32 12.47 -1.89 39.68
CA PRO E 32 13.14 -3.13 39.27
C PRO E 32 13.34 -3.35 37.79
N LYS E 33 12.83 -2.43 36.96
CA LYS E 33 13.00 -2.53 35.50
C LYS E 33 14.44 -2.21 35.10
N TYR E 34 15.02 -1.25 35.79
CA TYR E 34 16.38 -0.84 35.51
C TYR E 34 17.34 -1.29 36.59
N VAL E 35 16.81 -1.84 37.68
CA VAL E 35 17.71 -2.30 38.73
C VAL E 35 17.76 -3.82 38.73
N SER E 36 18.91 -4.38 38.34
CA SER E 36 19.04 -5.81 38.31
C SER E 36 19.23 -6.24 39.74
N SER E 37 18.93 -7.50 39.98
CA SER E 37 19.08 -8.11 41.30
C SER E 37 20.33 -8.94 41.13
N LYS E 38 21.47 -8.32 41.42
CA LYS E 38 22.80 -8.94 41.30
C LYS E 38 22.97 -9.73 39.98
N SER F 13 18.70 24.25 -14.48
CA SER F 13 17.50 23.58 -15.08
C SER F 13 16.17 24.25 -14.66
N LEU F 14 16.25 25.48 -14.18
CA LEU F 14 15.07 26.21 -13.75
C LEU F 14 14.37 26.94 -14.89
N PRO F 15 13.26 27.62 -14.58
CA PRO F 15 12.57 28.33 -15.66
C PRO F 15 13.07 29.76 -15.75
N SER F 16 13.34 30.17 -16.98
CA SER F 16 13.80 31.51 -17.27
C SER F 16 12.54 32.30 -17.54
N TYR F 17 12.14 33.15 -16.61
CA TYR F 17 10.93 33.94 -16.82
C TYR F 17 11.24 35.44 -16.80
N LEU F 18 11.02 36.10 -17.93
CA LEU F 18 11.29 37.53 -18.06
C LEU F 18 10.57 38.33 -16.96
N ASN F 19 11.24 38.45 -15.82
CA ASN F 19 10.71 39.18 -14.67
C ASN F 19 9.79 38.30 -13.85
N GLY F 20 10.04 37.00 -13.90
CA GLY F 20 9.26 36.06 -13.13
C GLY F 20 7.82 35.92 -13.58
N VAL F 21 7.38 36.75 -14.54
CA VAL F 21 6.01 36.65 -15.02
C VAL F 21 5.78 35.21 -15.48
N MET F 22 5.13 34.44 -14.61
CA MET F 22 4.87 33.06 -14.91
C MET F 22 3.74 32.93 -15.90
N PRO F 23 4.04 32.33 -17.07
CA PRO F 23 3.10 32.10 -18.19
C PRO F 23 1.91 31.28 -17.70
N PRO F 24 0.69 31.70 -18.06
CA PRO F 24 -0.48 30.96 -17.60
C PRO F 24 -0.47 29.48 -17.98
N THR F 25 0.36 29.10 -18.94
CA THR F 25 0.45 27.70 -19.36
C THR F 25 1.72 27.40 -20.13
N GLN F 26 1.91 26.13 -20.47
CA GLN F 26 3.06 25.69 -21.24
C GLN F 26 2.57 24.53 -22.12
N SER F 27 3.09 24.42 -23.32
CA SER F 27 2.61 23.34 -24.16
C SER F 27 3.57 22.20 -24.23
N PHE F 28 3.01 21.08 -24.62
CA PHE F 28 3.75 19.84 -24.77
C PHE F 28 3.32 19.30 -26.14
N ALA F 29 2.86 20.21 -26.99
CA ALA F 29 2.45 19.85 -28.33
C ALA F 29 3.75 19.74 -29.13
N PRO F 30 3.85 18.75 -30.03
CA PRO F 30 2.83 17.75 -30.36
C PRO F 30 3.06 16.40 -29.67
N ASP F 31 3.32 16.41 -28.38
CA ASP F 31 3.55 15.13 -27.71
C ASP F 31 2.23 14.37 -27.59
N PRO F 32 2.11 13.23 -28.29
CA PRO F 32 0.90 12.42 -28.24
C PRO F 32 0.40 12.14 -26.84
N LYS F 33 1.30 12.27 -25.88
CA LYS F 33 1.00 12.00 -24.47
C LYS F 33 0.21 13.10 -23.75
N TYR F 34 0.31 14.32 -24.25
CA TYR F 34 -0.40 15.44 -23.64
C TYR F 34 -1.28 16.18 -24.63
N VAL F 35 -1.36 15.66 -25.85
CA VAL F 35 -2.14 16.28 -26.91
C VAL F 35 -3.27 15.37 -27.40
N SER F 36 -4.48 15.62 -26.89
CA SER F 36 -5.70 14.86 -27.18
C SER F 36 -5.87 14.47 -28.63
#